data_8RBG
#
_entry.id   8RBG
#
loop_
_entity.id
_entity.type
_entity.pdbx_description
1 polymer 'Unconventional myosin-Va'
2 non-polymer 'PHOSPHATE ION'
3 non-polymer 'MAGNESIUM ION'
4 non-polymer "ADENOSINE-5'-DIPHOSPHATE"
#
_entity_poly.entity_id   1
_entity_poly.type   'polypeptide(L)'
_entity_poly.pdbx_seq_one_letter_code
;MAASELYTKFARVWIPDPEEVWKSAELLKDYKPGDKVLLLHLEEGKDLEYRLDPKTGELPHLRNPDILVGENDLTALSYL
HEPAVLHNLRVRFIDSKLIYTYCGIVLVAINPYEQLPIYGEDIINAYSGQNMGDMDPHIFAVAEEAYKQMARDERNQSII
VSGESGAGKTVSAKYAMRYFATVSGSASEANVEEKVLASNPIMESIGNAKTTRNDNASRFGKYIEIGFDKRYRIIGANMR
TYLLEKSRVVFQAEEERNYHIFYQLCASAKLPEFKMLRLGNADSFHYTKQGGSPMIEGVDDAKEMAHTRQACTLLGISES
YQMGIFRILAGILHLGNVGFASRDSDSCTIPPKHEPLTIFCDLMGVDYEEMCHWLCHRKLATATETYIKPISKLQATNAR
DALAKHIYAKLFNWIVDHVNQALHSAVKQHSFIGVLDIYGFETFEINSFEQFCINYANEKLQQQFNMHVFKLEQEEYMKE
QIPWTLIDFYDNQPCINLIESKLGILDLLDEECKMPKGTDDTWAQKLYNTHLNKCALFEKPRMSNKAFIIKHFADKVEYQ
CEGFLEKNKDTVFEEQIKVLKSSKFKMLPELFQAISPTSATSSGRTPLTRVPVKPTKGRPGQTAKEHKKTVGHQFRNSLH
LLMETLNATTPHYVRCIKPNDFKFPFTFDEKRAVQQLRACGVLETIRISAAGFPSRWTYQEFFSRYRVLMKQKDVLGDRK
QTCKNVLEKLILDKDKYQFGKTKIFFRAGQVAYLEKLRADKLRAACIRIQKTIRGWLLRKRYLCMQRAAITVQDYKDDDD
K
;
_entity_poly.pdbx_strand_id   A
#
# COMPACT_ATOMS: atom_id res chain seq x y z
N ALA A 2 18.20 38.18 -7.07
CA ALA A 2 18.77 38.29 -5.71
C ALA A 2 19.59 37.07 -5.26
N ALA A 3 19.26 35.84 -5.67
CA ALA A 3 19.98 34.64 -5.22
C ALA A 3 21.45 34.58 -5.67
N SER A 4 21.80 35.23 -6.78
CA SER A 4 23.17 35.26 -7.32
C SER A 4 24.16 35.95 -6.38
N GLU A 5 23.69 36.78 -5.45
CA GLU A 5 24.52 37.49 -4.48
C GLU A 5 25.16 36.55 -3.45
N LEU A 6 24.64 35.33 -3.33
CA LEU A 6 25.12 34.30 -2.40
C LEU A 6 26.28 33.47 -2.97
N TYR A 7 26.57 33.58 -4.27
CA TYR A 7 27.61 32.79 -4.94
C TYR A 7 28.97 33.48 -4.80
N THR A 8 29.50 33.44 -3.60
CA THR A 8 30.79 34.03 -3.22
C THR A 8 31.85 32.96 -2.96
N LYS A 9 33.12 33.35 -2.98
CA LYS A 9 34.25 32.49 -2.66
C LYS A 9 34.00 31.81 -1.32
N PHE A 10 34.21 30.49 -1.30
CA PHE A 10 34.02 29.57 -0.17
C PHE A 10 32.57 29.07 -0.01
N ALA A 11 31.59 29.61 -0.75
CA ALA A 11 30.22 29.12 -0.69
C ALA A 11 30.15 27.71 -1.32
N ARG A 12 29.28 26.85 -0.80
CA ARG A 12 29.12 25.46 -1.26
C ARG A 12 27.91 25.29 -2.17
N VAL A 13 28.03 24.42 -3.17
CA VAL A 13 27.01 24.12 -4.16
C VAL A 13 26.95 22.64 -4.52
N TRP A 14 25.84 22.23 -5.11
CA TRP A 14 25.58 20.90 -5.63
C TRP A 14 25.64 20.92 -7.15
N ILE A 15 26.36 19.97 -7.74
CA ILE A 15 26.50 19.81 -9.19
C ILE A 15 26.00 18.42 -9.59
N PRO A 16 25.39 18.26 -10.76
CA PRO A 16 24.87 16.97 -11.20
C PRO A 16 26.01 15.98 -11.47
N ASP A 17 25.78 14.71 -11.15
CA ASP A 17 26.73 13.63 -11.39
C ASP A 17 26.00 12.38 -11.91
N PRO A 18 26.49 11.69 -12.96
CA PRO A 18 25.82 10.52 -13.49
C PRO A 18 25.71 9.31 -12.54
N GLU A 19 26.66 9.12 -11.61
CA GLU A 19 26.68 7.99 -10.70
C GLU A 19 26.17 8.33 -9.29
N GLU A 20 26.56 9.48 -8.78
CA GLU A 20 26.23 9.93 -7.43
C GLU A 20 25.03 10.87 -7.39
N VAL A 21 24.44 11.17 -8.54
CA VAL A 21 23.29 12.06 -8.77
C VAL A 21 23.67 13.52 -8.54
N TRP A 22 24.22 13.84 -7.37
CA TRP A 22 24.69 15.16 -6.98
C TRP A 22 26.02 15.07 -6.25
N LYS A 23 26.94 15.97 -6.56
CA LYS A 23 28.24 16.09 -5.92
C LYS A 23 28.38 17.48 -5.32
N SER A 24 28.98 17.56 -4.16
CA SER A 24 29.20 18.83 -3.46
C SER A 24 30.51 19.46 -3.91
N ALA A 25 30.51 20.78 -4.07
CA ALA A 25 31.67 21.56 -4.48
C ALA A 25 31.67 22.94 -3.82
N GLU A 26 32.84 23.58 -3.72
CA GLU A 26 33.00 24.90 -3.13
C GLU A 26 33.55 25.93 -4.13
N LEU A 27 32.99 27.14 -4.16
CA LEU A 27 33.43 28.21 -5.06
C LEU A 27 34.82 28.74 -4.73
N LEU A 28 35.70 28.78 -5.74
CA LEU A 28 37.07 29.29 -5.64
C LEU A 28 37.12 30.82 -5.85
N LYS A 29 36.07 31.42 -6.41
CA LYS A 29 35.93 32.86 -6.64
C LYS A 29 34.49 33.33 -6.58
N ASP A 30 34.28 34.63 -6.39
CA ASP A 30 32.94 35.22 -6.42
C ASP A 30 32.37 35.19 -7.85
N TYR A 31 31.10 34.83 -7.99
CA TYR A 31 30.39 34.84 -9.28
C TYR A 31 29.91 36.25 -9.60
N LYS A 32 30.09 36.68 -10.86
CA LYS A 32 29.59 37.97 -11.36
C LYS A 32 28.59 37.71 -12.49
N PRO A 33 27.43 38.39 -12.51
CA PRO A 33 26.44 38.24 -13.57
C PRO A 33 27.08 38.39 -14.95
N GLY A 34 27.04 37.31 -15.73
CA GLY A 34 27.64 37.23 -17.07
C GLY A 34 28.79 36.22 -17.16
N ASP A 35 29.36 35.77 -16.04
CA ASP A 35 30.43 34.76 -16.04
C ASP A 35 29.93 33.45 -16.68
N LYS A 36 30.73 32.81 -17.55
CA LYS A 36 30.33 31.56 -18.22
C LYS A 36 30.83 30.26 -17.59
N VAL A 37 31.83 30.34 -16.70
CA VAL A 37 32.39 29.18 -16.00
C VAL A 37 32.63 29.49 -14.54
N LEU A 38 32.43 28.49 -13.68
CA LEU A 38 32.66 28.58 -12.25
C LEU A 38 33.88 27.77 -11.86
N LEU A 39 34.79 28.36 -11.10
CA LEU A 39 35.96 27.65 -10.59
C LEU A 39 35.53 26.99 -9.29
N LEU A 40 35.49 25.67 -9.26
CA LEU A 40 35.03 24.90 -8.13
C LEU A 40 36.08 23.96 -7.57
N HIS A 41 36.08 23.77 -6.25
CA HIS A 41 36.93 22.84 -5.56
C HIS A 41 36.06 21.67 -5.11
N LEU A 42 36.30 20.48 -5.66
CA LEU A 42 35.56 19.28 -5.29
C LEU A 42 36.06 18.76 -3.94
N GLU A 43 35.19 18.06 -3.21
CA GLU A 43 35.51 17.50 -1.90
C GLU A 43 36.62 16.42 -1.94
N GLU A 44 36.88 15.88 -3.13
CA GLU A 44 37.92 14.87 -3.38
C GLU A 44 39.33 15.49 -3.54
N GLY A 45 39.45 16.82 -3.51
CA GLY A 45 40.71 17.57 -3.61
C GLY A 45 41.05 18.12 -5.00
N LYS A 46 40.20 17.89 -6.00
CA LYS A 46 40.38 18.31 -7.40
C LYS A 46 39.58 19.58 -7.77
N ASP A 47 40.21 20.48 -8.52
CA ASP A 47 39.57 21.71 -9.00
C ASP A 47 38.90 21.46 -10.36
N LEU A 48 37.71 22.00 -10.58
CA LEU A 48 36.92 21.83 -11.80
C LEU A 48 36.34 23.15 -12.32
N GLU A 49 36.36 23.32 -13.64
CA GLU A 49 35.75 24.46 -14.32
C GLU A 49 34.32 24.01 -14.71
N TYR A 50 33.31 24.46 -13.99
CA TYR A 50 31.92 24.11 -14.26
C TYR A 50 31.29 25.12 -15.22
N ARG A 51 31.04 24.71 -16.46
CA ARG A 51 30.43 25.57 -17.48
C ARG A 51 28.94 25.72 -17.28
N LEU A 52 28.47 26.96 -17.28
CA LEU A 52 27.06 27.32 -17.16
C LEU A 52 26.37 27.29 -18.54
N ASP A 53 25.09 26.94 -18.57
CA ASP A 53 24.27 26.87 -19.80
C ASP A 53 24.27 28.23 -20.53
N PRO A 54 24.75 28.33 -21.78
CA PRO A 54 24.77 29.59 -22.51
C PRO A 54 23.41 30.25 -22.75
N LYS A 55 22.31 29.48 -22.79
CA LYS A 55 20.96 29.99 -23.04
C LYS A 55 20.23 30.47 -21.80
N THR A 56 20.27 29.70 -20.71
CA THR A 56 19.55 30.03 -19.46
C THR A 56 20.42 30.66 -18.37
N GLY A 57 21.73 30.40 -18.37
CA GLY A 57 22.67 30.89 -17.36
C GLY A 57 22.33 30.41 -15.93
N GLU A 58 21.57 29.31 -15.79
CA GLU A 58 21.15 28.82 -14.48
C GLU A 58 22.29 28.21 -13.65
N LEU A 59 22.50 28.80 -12.47
CA LEU A 59 23.54 28.42 -11.52
C LEU A 59 23.23 27.11 -10.76
N PRO A 60 24.25 26.35 -10.33
CA PRO A 60 24.07 25.13 -9.55
C PRO A 60 23.41 25.44 -8.19
N HIS A 61 22.73 24.47 -7.57
CA HIS A 61 22.06 24.68 -6.28
C HIS A 61 23.00 24.94 -5.10
N LEU A 62 22.72 25.96 -4.30
CA LEU A 62 23.50 26.28 -3.10
C LEU A 62 23.26 25.19 -2.05
N ARG A 63 24.30 24.85 -1.30
CA ARG A 63 24.21 23.86 -0.22
C ARG A 63 23.88 24.54 1.11
N ASN A 64 22.98 23.93 1.89
CA ASN A 64 22.56 24.45 3.18
C ASN A 64 23.71 24.38 4.23
N PRO A 65 23.72 25.29 5.22
CA PRO A 65 24.73 25.32 6.28
C PRO A 65 24.85 24.03 7.09
N ASP A 66 26.02 23.79 7.67
CA ASP A 66 26.32 22.59 8.48
C ASP A 66 25.41 22.40 9.69
N ILE A 67 24.90 23.48 10.27
CA ILE A 67 23.98 23.39 11.41
C ILE A 67 22.62 22.81 11.00
N LEU A 68 22.25 22.87 9.71
CA LEU A 68 20.99 22.34 9.19
C LEU A 68 21.15 20.92 8.62
N VAL A 69 22.23 20.22 8.95
CA VAL A 69 22.45 18.84 8.46
C VAL A 69 21.78 17.87 9.44
N GLY A 70 20.96 16.97 8.90
CA GLY A 70 20.25 15.95 9.69
C GLY A 70 19.08 16.50 10.54
N GLU A 71 18.40 17.53 10.06
CA GLU A 71 17.23 18.14 10.72
C GLU A 71 16.01 17.21 10.83
N ASN A 72 15.22 17.34 11.91
CA ASN A 72 14.01 16.53 12.11
C ASN A 72 12.89 16.85 11.11
N ASP A 73 12.81 18.10 10.64
CA ASP A 73 11.81 18.59 9.68
C ASP A 73 12.47 19.31 8.50
N LEU A 74 12.21 18.86 7.27
CA LEU A 74 12.82 19.49 6.09
C LEU A 74 12.40 20.95 5.90
N THR A 75 11.28 21.39 6.46
CA THR A 75 10.86 22.80 6.35
C THR A 75 11.82 23.75 7.06
N ALA A 76 12.75 23.23 7.86
CA ALA A 76 13.77 24.03 8.55
C ALA A 76 14.92 24.43 7.61
N LEU A 77 15.03 23.84 6.42
CA LEU A 77 16.10 24.14 5.45
C LEU A 77 15.97 25.52 4.80
N SER A 78 17.11 26.19 4.57
CA SER A 78 17.17 27.51 3.94
C SER A 78 16.83 27.41 2.46
N TYR A 79 17.47 26.48 1.77
CA TYR A 79 17.26 26.20 0.35
C TYR A 79 16.51 24.88 0.27
N LEU A 80 15.29 24.90 -0.26
CA LEU A 80 14.46 23.69 -0.35
C LEU A 80 14.45 23.14 -1.79
N HIS A 81 15.48 22.36 -2.12
CA HIS A 81 15.66 21.73 -3.45
C HIS A 81 16.04 20.25 -3.33
N GLU A 82 15.99 19.55 -4.45
CA GLU A 82 16.23 18.11 -4.53
C GLU A 82 17.55 17.62 -3.91
N PRO A 83 18.75 18.17 -4.22
CA PRO A 83 19.98 17.70 -3.59
C PRO A 83 19.96 17.79 -2.06
N ALA A 84 19.32 18.82 -1.51
CA ALA A 84 19.24 19.01 -0.07
C ALA A 84 18.48 17.86 0.61
N VAL A 85 17.36 17.44 0.02
CA VAL A 85 16.54 16.37 0.58
C VAL A 85 17.35 15.08 0.66
N LEU A 86 18.01 14.73 -0.45
CA LEU A 86 18.80 13.51 -0.51
C LEU A 86 19.92 13.49 0.53
N HIS A 87 20.61 14.62 0.68
CA HIS A 87 21.70 14.71 1.64
C HIS A 87 21.22 14.59 3.09
N ASN A 88 20.15 15.29 3.46
CA ASN A 88 19.62 15.25 4.82
C ASN A 88 19.20 13.83 5.19
N LEU A 89 18.51 13.12 4.30
CA LEU A 89 18.12 11.76 4.62
C LEU A 89 19.33 10.84 4.64
N ARG A 90 20.33 11.05 3.77
CA ARG A 90 21.53 10.21 3.80
C ARG A 90 22.20 10.34 5.15
N VAL A 91 22.44 11.57 5.63
CA VAL A 91 23.13 11.76 6.90
C VAL A 91 22.38 11.12 8.07
N ARG A 92 21.06 11.27 8.15
CA ARG A 92 20.33 10.69 9.29
C ARG A 92 20.39 9.17 9.29
N PHE A 93 20.32 8.57 8.11
CA PHE A 93 20.38 7.12 7.99
C PHE A 93 21.78 6.54 8.21
N ILE A 94 22.77 6.97 7.42
CA ILE A 94 24.11 6.39 7.49
C ILE A 94 24.84 6.69 8.80
N ASP A 95 24.84 7.94 9.24
CA ASP A 95 25.53 8.33 10.45
C ASP A 95 24.73 8.06 11.72
N SER A 96 23.56 8.67 11.82
CA SER A 96 22.73 8.59 13.03
C SER A 96 21.91 7.30 13.18
N LYS A 97 21.78 6.48 12.13
CA LYS A 97 20.98 5.24 12.15
C LYS A 97 19.51 5.56 12.47
N LEU A 98 18.99 6.67 11.93
CA LEU A 98 17.62 7.11 12.12
C LEU A 98 16.81 6.85 10.86
N ILE A 99 15.79 5.99 11.01
CA ILE A 99 14.88 5.57 9.95
C ILE A 99 13.74 6.55 9.65
N TYR A 100 13.46 7.48 10.55
CA TYR A 100 12.30 8.38 10.49
C TYR A 100 12.65 9.85 10.22
N THR A 101 11.87 10.56 9.38
CA THR A 101 12.02 12.02 9.16
C THR A 101 10.69 12.67 8.76
N TYR A 102 10.38 13.91 9.21
CA TYR A 102 9.11 14.57 8.85
C TYR A 102 9.22 15.54 7.67
N CYS A 103 8.15 15.59 6.89
CA CYS A 103 7.95 16.53 5.78
C CYS A 103 6.59 17.17 6.01
N GLY A 104 6.51 17.89 7.12
CA GLY A 104 5.26 18.46 7.61
C GLY A 104 4.46 17.31 8.25
N ILE A 105 3.18 17.15 7.93
CA ILE A 105 2.39 16.06 8.50
C ILE A 105 2.84 14.71 7.93
N VAL A 106 3.27 14.62 6.67
CA VAL A 106 3.74 13.34 6.12
C VAL A 106 5.05 12.85 6.78
N LEU A 107 5.10 11.54 7.03
CA LEU A 107 6.27 10.86 7.63
C LEU A 107 7.01 10.05 6.57
N VAL A 108 8.33 10.14 6.58
CA VAL A 108 9.20 9.36 5.69
C VAL A 108 9.88 8.28 6.52
N ALA A 109 9.81 7.04 6.05
CA ALA A 109 10.40 5.87 6.70
C ALA A 109 11.38 5.13 5.75
N ILE A 110 12.56 4.80 6.25
CA ILE A 110 13.65 4.13 5.52
C ILE A 110 13.85 2.70 6.05
N ASN A 111 13.91 1.65 5.21
CA ASN A 111 14.13 0.26 5.69
C ASN A 111 15.57 -0.01 6.23
N PRO A 112 15.79 -0.34 7.51
CA PRO A 112 17.12 -0.59 8.06
C PRO A 112 17.74 -1.96 7.72
N TYR A 113 16.95 -2.98 7.35
CA TYR A 113 17.42 -4.37 7.11
C TYR A 113 18.11 -4.97 8.36
N GLU A 114 17.73 -4.51 9.55
CA GLU A 114 18.27 -4.94 10.83
C GLU A 114 17.24 -4.65 11.93
N GLN A 115 17.21 -5.49 12.95
CA GLN A 115 16.31 -5.38 14.09
C GLN A 115 16.94 -4.47 15.14
N LEU A 116 16.26 -3.39 15.54
CA LEU A 116 16.74 -2.49 16.58
C LEU A 116 15.64 -2.21 17.62
N PRO A 117 15.94 -2.07 18.94
CA PRO A 117 14.93 -2.18 20.00
C PRO A 117 14.05 -0.95 20.23
N ILE A 118 13.88 -0.13 19.21
CA ILE A 118 13.44 1.27 19.23
C ILE A 118 11.93 1.46 19.50
N TYR A 119 11.32 0.49 20.16
CA TYR A 119 9.88 0.37 20.34
C TYR A 119 9.47 -0.48 21.56
N GLY A 120 10.19 -0.38 22.69
CA GLY A 120 9.71 -0.95 23.95
C GLY A 120 8.43 -0.28 24.44
N GLU A 121 7.69 -0.92 25.34
CA GLU A 121 6.47 -0.31 25.89
C GLU A 121 6.76 0.99 26.66
N ASP A 122 7.95 1.12 27.22
CA ASP A 122 8.48 2.37 27.77
C ASP A 122 8.66 3.43 26.68
N ILE A 123 9.08 3.08 25.48
CA ILE A 123 9.07 3.99 24.34
C ILE A 123 7.63 4.36 24.02
N ILE A 124 6.70 3.40 24.02
CA ILE A 124 5.28 3.68 23.76
C ILE A 124 4.76 4.68 24.79
N ASN A 125 5.04 4.45 26.07
CA ASN A 125 4.72 5.36 27.15
C ASN A 125 5.41 6.73 26.94
N ALA A 126 6.65 6.76 26.50
CA ALA A 126 7.39 7.98 26.27
C ALA A 126 6.78 8.82 25.14
N TYR A 127 6.29 8.21 24.07
CA TYR A 127 5.58 8.93 23.01
C TYR A 127 4.16 9.31 23.40
N SER A 128 3.50 8.54 24.26
CA SER A 128 2.18 8.88 24.78
C SER A 128 2.22 10.20 25.59
N GLY A 129 1.16 11.00 25.50
CA GLY A 129 1.00 12.25 26.26
C GLY A 129 1.81 13.46 25.78
N GLN A 130 2.73 13.29 24.82
CA GLN A 130 3.62 14.35 24.34
C GLN A 130 3.03 15.11 23.14
N ASN A 131 3.58 16.28 22.84
CA ASN A 131 3.23 17.02 21.62
C ASN A 131 4.06 16.54 20.41
N MET A 132 3.53 16.81 19.22
CA MET A 132 4.29 16.75 17.97
C MET A 132 5.55 17.65 18.06
N GLY A 133 6.68 17.17 17.56
CA GLY A 133 7.97 17.85 17.67
C GLY A 133 8.58 17.81 19.07
N ASP A 134 7.78 17.80 20.14
CA ASP A 134 8.26 17.51 21.50
C ASP A 134 8.67 16.03 21.68
N MET A 135 8.36 15.19 20.70
CA MET A 135 9.07 13.95 20.43
C MET A 135 9.65 13.95 19.01
N ASP A 136 10.80 13.31 18.85
CA ASP A 136 11.49 13.12 17.57
C ASP A 136 10.70 12.18 16.62
N PRO A 137 10.94 12.20 15.30
CA PRO A 137 10.09 11.49 14.34
C PRO A 137 10.04 9.96 14.59
N HIS A 138 8.82 9.38 14.61
CA HIS A 138 8.55 7.95 14.81
C HIS A 138 7.10 7.61 14.38
N ILE A 139 6.81 6.37 14.00
CA ILE A 139 5.45 5.97 13.63
C ILE A 139 4.46 6.18 14.77
N PHE A 140 4.89 5.99 16.02
CA PHE A 140 4.04 6.17 17.18
C PHE A 140 3.54 7.61 17.25
N ALA A 141 4.35 8.59 16.81
CA ALA A 141 3.91 9.97 16.83
C ALA A 141 2.69 10.14 15.91
N VAL A 142 2.69 9.46 14.76
CA VAL A 142 1.59 9.54 13.82
C VAL A 142 0.36 8.92 14.47
N ALA A 143 0.55 7.76 15.10
CA ALA A 143 -0.53 7.06 15.74
C ALA A 143 -1.14 7.92 16.86
N GLU A 144 -0.29 8.54 17.66
CA GLU A 144 -0.74 9.41 18.73
C GLU A 144 -1.44 10.62 18.15
N GLU A 145 -0.92 11.21 17.08
CA GLU A 145 -1.57 12.37 16.49
C GLU A 145 -2.97 12.00 15.98
N ALA A 146 -3.09 10.83 15.38
CA ALA A 146 -4.38 10.36 14.92
C ALA A 146 -5.29 10.12 16.13
N TYR A 147 -4.76 9.55 17.20
CA TYR A 147 -5.54 9.30 18.41
C TYR A 147 -6.04 10.63 18.99
N LYS A 148 -5.14 11.61 19.08
CA LYS A 148 -5.41 12.95 19.60
C LYS A 148 -6.46 13.63 18.74
N GLN A 149 -6.31 13.59 17.43
CA GLN A 149 -7.28 14.20 16.52
C GLN A 149 -8.64 13.52 16.61
N MET A 150 -8.70 12.19 16.59
CA MET A 150 -9.99 11.50 16.65
C MET A 150 -10.71 11.87 17.94
N ALA A 151 -10.01 11.87 19.08
CA ALA A 151 -10.65 12.20 20.34
C ALA A 151 -11.14 13.65 20.39
N ARG A 152 -10.32 14.62 20.00
CA ARG A 152 -10.73 16.03 20.08
C ARG A 152 -11.78 16.40 19.03
N ASP A 153 -11.57 16.01 17.78
CA ASP A 153 -12.43 16.33 16.65
C ASP A 153 -13.65 15.44 16.50
N GLU A 154 -13.64 14.25 17.12
CA GLU A 154 -14.69 13.22 16.98
C GLU A 154 -14.94 12.86 15.51
N ARG A 155 -13.84 12.85 14.74
CA ARG A 155 -13.74 12.56 13.30
C ARG A 155 -12.92 11.31 13.06
N ASN A 156 -13.35 10.47 12.12
CA ASN A 156 -12.63 9.27 11.75
C ASN A 156 -11.32 9.65 11.02
N GLN A 157 -10.31 8.83 11.22
CA GLN A 157 -8.98 9.06 10.69
C GLN A 157 -8.55 7.88 9.84
N SER A 158 -7.58 8.08 8.95
CA SER A 158 -7.03 6.99 8.17
C SER A 158 -5.52 7.08 8.08
N ILE A 159 -4.87 5.95 8.26
CA ILE A 159 -3.43 5.80 8.20
C ILE A 159 -3.16 5.08 6.89
N ILE A 160 -2.48 5.79 6.01
CA ILE A 160 -2.17 5.35 4.67
C ILE A 160 -0.66 5.27 4.51
N VAL A 161 -0.15 4.07 4.30
CA VAL A 161 1.28 3.81 4.08
C VAL A 161 1.49 3.53 2.59
N SER A 162 2.59 3.99 1.99
CA SER A 162 2.89 3.78 0.57
C SER A 162 4.37 3.47 0.30
N GLY A 163 4.68 2.96 -0.89
CA GLY A 163 6.02 2.58 -1.32
C GLY A 163 6.05 1.35 -2.23
N GLU A 164 7.19 1.07 -2.85
CA GLU A 164 7.37 -0.10 -3.72
C GLU A 164 7.57 -1.39 -2.89
N SER A 165 7.57 -2.58 -3.47
CA SER A 165 7.70 -3.80 -2.63
C SER A 165 8.91 -3.77 -1.68
N GLY A 166 8.75 -4.17 -0.42
CA GLY A 166 9.83 -4.31 0.56
C GLY A 166 10.24 -3.06 1.34
N ALA A 167 9.62 -1.91 1.14
CA ALA A 167 10.06 -0.65 1.75
C ALA A 167 9.90 -0.52 3.30
N GLY A 168 9.39 -1.55 3.99
CA GLY A 168 8.95 -1.58 5.39
C GLY A 168 7.44 -1.37 5.61
N LYS A 169 6.57 -1.42 4.57
CA LYS A 169 5.20 -0.94 4.77
C LYS A 169 4.37 -1.87 5.65
N THR A 170 4.40 -3.17 5.42
CA THR A 170 3.73 -4.18 6.24
C THR A 170 4.11 -4.05 7.74
N VAL A 171 5.39 -3.81 8.03
CA VAL A 171 6.05 -3.65 9.32
C VAL A 171 5.50 -2.40 10.01
N SER A 172 5.37 -1.31 9.26
CA SER A 172 4.85 -0.03 9.77
C SER A 172 3.42 -0.14 10.28
N ALA A 173 2.54 -0.81 9.52
CA ALA A 173 1.13 -0.95 9.90
C ALA A 173 1.00 -1.72 11.23
N LYS A 174 1.77 -2.79 11.39
CA LYS A 174 1.75 -3.60 12.60
C LYS A 174 2.09 -2.75 13.81
N TYR A 175 3.18 -2.00 13.75
CA TYR A 175 3.56 -1.18 14.89
C TYR A 175 2.51 -0.12 15.22
N ALA A 176 1.86 0.46 14.23
CA ALA A 176 0.83 1.45 14.50
C ALA A 176 -0.32 0.81 15.30
N MET A 177 -0.74 -0.39 14.93
CA MET A 177 -1.81 -1.09 15.62
C MET A 177 -1.46 -1.33 17.09
N ARG A 178 -0.20 -1.66 17.39
CA ARG A 178 0.26 -1.89 18.77
C ARG A 178 0.05 -0.69 19.66
N TYR A 179 0.27 0.50 19.12
CA TYR A 179 0.12 1.75 19.88
C TYR A 179 -1.32 1.89 20.36
N PHE A 180 -2.29 1.81 19.44
CA PHE A 180 -3.72 1.92 19.75
C PHE A 180 -4.17 0.82 20.71
N ALA A 181 -3.69 -0.40 20.47
CA ALA A 181 -4.03 -1.52 21.33
C ALA A 181 -3.56 -1.25 22.76
N THR A 182 -2.36 -0.68 22.96
CA THR A 182 -1.85 -0.38 24.31
C THR A 182 -2.75 0.62 25.04
N VAL A 183 -3.02 1.76 24.39
CA VAL A 183 -3.88 2.83 24.94
C VAL A 183 -5.28 2.29 25.26
N SER A 184 -5.82 1.46 24.37
CA SER A 184 -7.14 0.84 24.54
C SER A 184 -7.14 -0.26 25.58
N GLY A 185 -5.98 -0.89 25.78
CA GLY A 185 -5.69 -2.00 26.70
C GLY A 185 -6.22 -1.82 28.12
N SER A 186 -6.50 -0.59 28.53
CA SER A 186 -7.20 -0.27 29.79
C SER A 186 -8.60 -0.93 29.90
N ALA A 187 -9.18 -1.42 28.80
CA ALA A 187 -10.51 -2.05 28.76
C ALA A 187 -10.64 -3.34 29.58
N SER A 188 -11.90 -3.76 29.82
CA SER A 188 -12.20 -5.02 30.52
C SER A 188 -12.09 -6.19 29.55
N GLU A 189 -12.75 -6.10 28.39
CA GLU A 189 -12.72 -7.10 27.32
C GLU A 189 -11.49 -6.88 26.42
N ALA A 190 -10.32 -6.69 27.02
CA ALA A 190 -9.06 -6.41 26.32
C ALA A 190 -8.68 -7.51 25.31
N ASN A 191 -9.28 -8.69 25.46
CA ASN A 191 -9.12 -9.82 24.55
C ASN A 191 -9.42 -9.38 23.10
N VAL A 192 -10.28 -8.39 22.91
CA VAL A 192 -10.57 -7.90 21.56
C VAL A 192 -9.30 -7.31 20.94
N GLU A 193 -8.49 -6.53 21.69
CA GLU A 193 -7.26 -6.00 21.13
C GLU A 193 -6.32 -7.15 20.78
N GLU A 194 -6.26 -8.20 21.63
CA GLU A 194 -5.44 -9.37 21.37
C GLU A 194 -5.87 -10.01 20.05
N LYS A 195 -7.19 -10.14 19.84
CA LYS A 195 -7.75 -10.72 18.62
C LYS A 195 -7.42 -9.86 17.40
N VAL A 196 -7.46 -8.54 17.54
CA VAL A 196 -7.12 -7.63 16.46
C VAL A 196 -5.65 -7.85 16.07
N LEU A 197 -4.71 -7.85 17.02
CA LEU A 197 -3.30 -8.09 16.68
C LEU A 197 -3.08 -9.50 16.13
N ALA A 198 -3.77 -10.51 16.66
CA ALA A 198 -3.67 -11.90 16.21
C ALA A 198 -4.09 -12.07 14.74
N SER A 199 -4.93 -11.18 14.22
CA SER A 199 -5.40 -11.25 12.84
C SER A 199 -4.23 -11.20 11.84
N ASN A 200 -3.22 -10.37 12.11
CA ASN A 200 -2.08 -10.18 11.22
C ASN A 200 -1.32 -11.48 10.86
N PRO A 201 -0.75 -12.22 11.83
CA PRO A 201 0.00 -13.43 11.50
C PRO A 201 -0.82 -14.49 10.76
N ILE A 202 -2.11 -14.56 11.04
CA ILE A 202 -3.00 -15.52 10.37
C ILE A 202 -3.03 -15.20 8.88
N MET A 203 -3.36 -13.96 8.56
CA MET A 203 -3.41 -13.52 7.17
C MET A 203 -2.06 -13.64 6.51
N GLU A 204 -0.96 -13.47 7.23
CA GLU A 204 0.36 -13.61 6.63
C GLU A 204 0.65 -15.02 6.14
N SER A 205 0.21 -16.00 6.92
CA SER A 205 0.42 -17.40 6.59
C SER A 205 -0.29 -17.82 5.31
N ILE A 206 -1.52 -17.35 5.11
CA ILE A 206 -2.36 -17.67 3.95
C ILE A 206 -2.09 -16.73 2.76
N GLY A 207 -1.85 -15.46 3.06
CA GLY A 207 -1.68 -14.36 2.13
C GLY A 207 -0.26 -14.06 1.63
N ASN A 208 0.78 -14.46 2.34
CA ASN A 208 2.14 -14.14 1.90
C ASN A 208 2.89 -15.36 1.38
N ALA A 209 3.88 -15.06 0.55
CA ALA A 209 4.77 -15.99 -0.12
C ALA A 209 6.10 -15.27 -0.43
N LYS A 210 7.16 -16.04 -0.68
CA LYS A 210 8.48 -15.50 -1.02
C LYS A 210 8.56 -15.14 -2.49
N THR A 211 9.04 -13.94 -2.77
CA THR A 211 9.31 -13.43 -4.11
C THR A 211 10.78 -13.07 -4.18
N THR A 212 11.32 -12.82 -5.36
CA THR A 212 12.71 -12.37 -5.44
C THR A 212 12.86 -11.00 -4.77
N ARG A 213 11.83 -10.14 -4.79
CA ARG A 213 11.86 -8.81 -4.15
C ARG A 213 11.81 -8.89 -2.62
N ASN A 214 10.99 -9.81 -2.08
CA ASN A 214 10.58 -9.87 -0.68
C ASN A 214 10.39 -11.34 -0.20
N ASP A 215 11.10 -11.78 0.84
CA ASP A 215 10.92 -13.09 1.42
C ASP A 215 9.51 -13.32 1.96
N ASN A 216 8.78 -12.24 2.24
CA ASN A 216 7.44 -12.27 2.76
C ASN A 216 6.53 -11.26 2.04
N ALA A 217 6.46 -11.37 0.71
CA ALA A 217 5.57 -10.56 -0.10
C ALA A 217 4.10 -10.78 0.28
N SER A 218 3.36 -9.69 0.33
CA SER A 218 2.02 -9.53 0.85
C SER A 218 0.97 -9.60 -0.28
N ARG A 219 0.74 -10.77 -0.89
CA ARG A 219 0.11 -10.94 -2.22
C ARG A 219 -1.41 -10.66 -2.34
N PHE A 220 -1.98 -9.97 -1.38
CA PHE A 220 -3.33 -9.42 -1.28
C PHE A 220 -3.27 -8.06 -0.57
N GLY A 221 -4.34 -7.28 -0.68
CA GLY A 221 -4.49 -5.98 -0.02
C GLY A 221 -5.40 -6.07 1.22
N LYS A 222 -5.15 -5.24 2.23
CA LYS A 222 -5.90 -5.18 3.49
C LYS A 222 -6.23 -3.76 3.94
N TYR A 223 -7.47 -3.52 4.34
CA TYR A 223 -7.88 -2.27 4.96
C TYR A 223 -8.65 -2.63 6.22
N ILE A 224 -8.21 -2.14 7.37
CA ILE A 224 -8.84 -2.44 8.66
C ILE A 224 -9.42 -1.21 9.32
N GLU A 225 -10.69 -1.28 9.70
CA GLU A 225 -11.37 -0.22 10.42
C GLU A 225 -11.39 -0.65 11.88
N ILE A 226 -10.76 0.12 12.76
CA ILE A 226 -10.74 -0.15 14.20
C ILE A 226 -11.76 0.82 14.78
N GLY A 227 -12.81 0.29 15.40
CA GLY A 227 -13.90 1.07 15.97
C GLY A 227 -13.64 1.44 17.43
N PHE A 228 -14.10 2.62 17.83
CA PHE A 228 -13.97 3.17 19.17
C PHE A 228 -15.30 3.65 19.74
N ASP A 229 -15.42 3.59 21.06
CA ASP A 229 -16.58 4.07 21.81
C ASP A 229 -16.38 5.54 22.21
N LYS A 230 -17.31 6.08 23.00
CA LYS A 230 -17.22 7.45 23.54
C LYS A 230 -16.00 7.64 24.44
N ARG A 231 -15.51 6.56 25.07
CA ARG A 231 -14.32 6.57 25.95
C ARG A 231 -13.03 6.61 25.13
N TYR A 232 -13.11 6.52 23.80
CA TYR A 232 -11.98 6.47 22.87
C TYR A 232 -11.15 5.21 23.10
N ARG A 233 -11.85 4.10 23.35
CA ARG A 233 -11.30 2.77 23.59
C ARG A 233 -11.86 1.80 22.54
N ILE A 234 -11.06 0.82 22.12
CA ILE A 234 -11.44 -0.13 21.06
C ILE A 234 -12.66 -0.99 21.40
N ILE A 235 -13.66 -1.00 20.51
CA ILE A 235 -14.88 -1.81 20.62
C ILE A 235 -14.82 -3.11 19.81
N GLY A 236 -14.13 -3.09 18.67
CA GLY A 236 -13.94 -4.20 17.74
C GLY A 236 -13.34 -3.70 16.43
N ALA A 237 -13.36 -4.54 15.39
CA ALA A 237 -12.78 -4.17 14.11
C ALA A 237 -13.39 -4.92 12.92
N ASN A 238 -13.13 -4.44 11.72
CA ASN A 238 -13.54 -5.10 10.48
C ASN A 238 -12.45 -4.98 9.42
N MET A 239 -12.18 -6.09 8.74
CA MET A 239 -11.19 -6.16 7.67
C MET A 239 -11.90 -6.24 6.32
N ARG A 240 -11.48 -5.43 5.37
CA ARG A 240 -11.93 -5.51 3.98
C ARG A 240 -10.64 -5.78 3.21
N THR A 241 -10.63 -6.80 2.36
CA THR A 241 -9.43 -7.22 1.63
C THR A 241 -9.62 -7.15 0.13
N TYR A 242 -8.50 -7.19 -0.58
CA TYR A 242 -8.47 -7.03 -2.01
C TYR A 242 -7.61 -8.08 -2.70
N LEU A 243 -8.15 -8.55 -3.82
CA LEU A 243 -7.66 -9.55 -4.76
C LEU A 243 -6.31 -10.21 -4.46
N LEU A 244 -6.39 -11.49 -4.13
CA LEU A 244 -5.30 -12.40 -3.86
C LEU A 244 -4.75 -12.98 -5.19
N GLU A 245 -3.44 -13.19 -5.30
CA GLU A 245 -2.79 -13.74 -6.51
C GLU A 245 -3.09 -15.23 -6.75
N LYS A 246 -4.15 -15.57 -7.49
CA LYS A 246 -4.55 -16.97 -7.73
C LYS A 246 -3.49 -17.78 -8.48
N SER A 247 -2.79 -17.17 -9.43
CA SER A 247 -1.76 -17.87 -10.21
C SER A 247 -0.64 -18.45 -9.33
N ARG A 248 -0.44 -17.89 -8.14
CA ARG A 248 0.57 -18.35 -7.19
C ARG A 248 0.35 -19.79 -6.76
N VAL A 249 -0.89 -20.24 -6.66
CA VAL A 249 -1.19 -21.61 -6.19
C VAL A 249 -0.62 -22.64 -7.14
N VAL A 250 -0.85 -22.43 -8.43
CA VAL A 250 -0.44 -23.39 -9.46
C VAL A 250 0.94 -23.12 -10.01
N PHE A 251 1.48 -21.91 -9.89
CA PHE A 251 2.80 -21.57 -10.45
C PHE A 251 3.66 -20.70 -9.54
N GLN A 252 4.97 -20.92 -9.66
CA GLN A 252 6.03 -20.22 -8.94
C GLN A 252 7.25 -20.04 -9.84
N ALA A 253 7.91 -18.89 -9.74
CA ALA A 253 9.12 -18.64 -10.54
C ALA A 253 10.33 -19.36 -9.93
N GLU A 254 11.48 -19.24 -10.59
CA GLU A 254 12.76 -19.90 -10.34
C GLU A 254 13.35 -19.91 -8.92
N GLU A 255 12.96 -18.98 -8.05
CA GLU A 255 13.41 -18.93 -6.65
C GLU A 255 12.28 -18.44 -5.73
N GLU A 256 11.04 -18.78 -6.06
CA GLU A 256 9.86 -18.38 -5.30
C GLU A 256 9.06 -19.56 -4.77
N ARG A 257 8.28 -19.31 -3.71
CA ARG A 257 7.44 -20.33 -3.07
C ARG A 257 5.97 -20.02 -3.21
N ASN A 258 5.17 -21.03 -2.94
CA ASN A 258 3.72 -20.93 -2.84
C ASN A 258 3.43 -20.23 -1.49
N TYR A 259 2.18 -20.12 -1.09
CA TYR A 259 1.86 -19.50 0.20
C TYR A 259 2.48 -20.27 1.37
N HIS A 260 2.95 -19.52 2.36
CA HIS A 260 3.65 -20.07 3.54
C HIS A 260 2.95 -21.22 4.22
N ILE A 261 1.63 -21.17 4.34
CA ILE A 261 0.86 -22.20 5.02
C ILE A 261 1.09 -23.61 4.46
N PHE A 262 1.29 -23.78 3.15
CA PHE A 262 1.53 -25.12 2.62
C PHE A 262 2.81 -25.71 3.22
N TYR A 263 3.86 -24.89 3.32
CA TYR A 263 5.13 -25.33 3.86
C TYR A 263 4.98 -25.62 5.35
N GLN A 264 4.21 -24.81 6.08
CA GLN A 264 3.98 -25.06 7.51
C GLN A 264 3.31 -26.43 7.68
N LEU A 265 2.31 -26.73 6.84
CA LEU A 265 1.61 -27.99 6.90
C LEU A 265 2.54 -29.14 6.53
N CYS A 266 3.31 -29.03 5.45
CA CYS A 266 4.24 -30.09 5.09
C CYS A 266 5.29 -30.33 6.18
N ALA A 267 5.72 -29.28 6.89
CA ALA A 267 6.68 -29.43 7.97
C ALA A 267 6.12 -30.27 9.14
N SER A 268 4.81 -30.23 9.37
CA SER A 268 4.13 -30.97 10.45
C SER A 268 3.59 -32.37 10.05
N ALA A 269 3.94 -32.90 8.88
CA ALA A 269 3.43 -34.19 8.38
C ALA A 269 3.59 -35.39 9.35
N LYS A 270 4.68 -35.43 10.10
CA LYS A 270 5.00 -36.51 11.06
C LYS A 270 4.10 -36.59 12.30
N LEU A 271 3.44 -35.49 12.66
CA LEU A 271 2.59 -35.45 13.85
C LEU A 271 1.35 -36.36 13.70
N PRO A 272 0.92 -37.06 14.75
CA PRO A 272 -0.22 -37.98 14.68
C PRO A 272 -1.54 -37.33 14.25
N GLU A 273 -1.80 -36.11 14.67
CA GLU A 273 -3.02 -35.37 14.33
C GLU A 273 -3.12 -35.14 12.82
N PHE A 274 -1.97 -34.94 12.18
CA PHE A 274 -1.81 -34.71 10.76
C PHE A 274 -1.73 -35.99 9.92
N LYS A 275 -1.52 -37.17 10.53
CA LYS A 275 -1.38 -38.45 9.81
C LYS A 275 -2.53 -38.78 8.85
N MET A 276 -3.78 -38.42 9.18
CA MET A 276 -4.92 -38.68 8.31
C MET A 276 -4.78 -38.01 6.93
N LEU A 277 -4.12 -36.86 6.87
CA LEU A 277 -3.88 -36.10 5.64
C LEU A 277 -2.94 -36.83 4.67
N ARG A 278 -2.16 -37.80 5.17
CA ARG A 278 -1.23 -38.63 4.41
C ARG A 278 -0.20 -37.80 3.63
N LEU A 279 0.33 -36.76 4.24
CA LEU A 279 1.29 -35.85 3.61
C LEU A 279 2.74 -36.34 3.70
N GLY A 280 3.58 -35.74 2.85
CA GLY A 280 5.02 -35.93 2.79
C GLY A 280 5.72 -34.57 2.75
N ASN A 281 7.01 -34.51 2.42
CA ASN A 281 7.70 -33.23 2.34
C ASN A 281 7.24 -32.41 1.12
N ALA A 282 7.47 -31.11 1.13
CA ALA A 282 7.08 -30.18 0.07
C ALA A 282 7.65 -30.54 -1.32
N ASP A 283 8.78 -31.26 -1.37
CA ASP A 283 9.40 -31.69 -2.62
C ASP A 283 8.52 -32.72 -3.36
N SER A 284 7.65 -33.44 -2.66
CA SER A 284 6.79 -34.45 -3.25
C SER A 284 5.69 -33.88 -4.15
N PHE A 285 5.18 -32.68 -3.87
CA PHE A 285 4.10 -32.08 -4.64
C PHE A 285 4.57 -31.04 -5.65
N HIS A 286 4.05 -31.10 -6.88
CA HIS A 286 4.43 -30.17 -7.95
C HIS A 286 4.10 -28.72 -7.59
N TYR A 287 2.93 -28.49 -7.00
CA TYR A 287 2.49 -27.16 -6.60
C TYR A 287 3.41 -26.48 -5.58
N THR A 288 4.24 -27.22 -4.85
CA THR A 288 5.24 -26.68 -3.93
C THR A 288 6.68 -26.80 -4.43
N LYS A 289 6.99 -27.77 -5.30
CA LYS A 289 8.35 -28.05 -5.80
C LYS A 289 8.88 -27.13 -6.91
N GLN A 290 8.04 -26.57 -7.79
CA GLN A 290 8.46 -25.72 -8.94
C GLN A 290 9.50 -24.62 -8.66
N GLY A 291 9.47 -24.01 -7.47
CA GLY A 291 10.40 -22.96 -7.05
C GLY A 291 11.86 -23.39 -6.90
N GLY A 292 12.14 -24.66 -6.63
CA GLY A 292 13.52 -25.17 -6.51
C GLY A 292 14.12 -25.11 -5.10
N SER A 293 13.49 -24.38 -4.18
CA SER A 293 13.93 -24.26 -2.78
C SER A 293 12.69 -24.13 -1.87
N PRO A 294 12.32 -25.17 -1.12
CA PRO A 294 11.15 -25.13 -0.26
C PRO A 294 11.32 -24.35 1.06
N MET A 295 12.54 -23.91 1.43
CA MET A 295 12.81 -23.22 2.70
C MET A 295 13.28 -21.77 2.57
N ILE A 296 12.88 -20.94 3.52
CA ILE A 296 13.27 -19.53 3.63
C ILE A 296 14.30 -19.42 4.76
N GLU A 297 15.45 -18.81 4.51
CA GLU A 297 16.47 -18.65 5.54
C GLU A 297 15.96 -17.72 6.66
N GLY A 298 16.22 -18.12 7.90
CA GLY A 298 15.76 -17.41 9.09
C GLY A 298 14.33 -17.78 9.49
N VAL A 299 13.68 -18.71 8.79
CA VAL A 299 12.31 -19.16 9.07
C VAL A 299 12.21 -20.66 9.33
N ASP A 300 11.56 -21.06 10.41
CA ASP A 300 11.26 -22.46 10.76
C ASP A 300 9.76 -22.72 10.54
N ASP A 301 9.41 -23.36 9.44
CA ASP A 301 8.01 -23.63 9.08
C ASP A 301 7.26 -24.43 10.14
N ALA A 302 7.93 -25.38 10.82
CA ALA A 302 7.29 -26.16 11.88
C ALA A 302 6.97 -25.24 13.07
N LYS A 303 7.93 -24.38 13.43
CA LYS A 303 7.74 -23.43 14.53
C LYS A 303 6.59 -22.49 14.18
N GLU A 304 6.53 -22.04 12.94
CA GLU A 304 5.47 -21.17 12.48
C GLU A 304 4.12 -21.89 12.54
N MET A 305 4.10 -23.20 12.24
CA MET A 305 2.87 -23.97 12.31
C MET A 305 2.33 -23.93 13.75
N ALA A 306 3.21 -24.06 14.74
CA ALA A 306 2.77 -24.02 16.13
C ALA A 306 2.14 -22.65 16.45
N HIS A 307 2.79 -21.59 16.01
CA HIS A 307 2.28 -20.25 16.23
C HIS A 307 0.96 -20.04 15.54
N THR A 308 0.82 -20.52 14.30
CA THR A 308 -0.42 -20.31 13.55
C THR A 308 -1.59 -20.98 14.24
N ARG A 309 -1.39 -22.20 14.72
CA ARG A 309 -2.43 -22.94 15.40
C ARG A 309 -2.83 -22.20 16.68
N GLN A 310 -1.83 -21.71 17.42
CA GLN A 310 -2.11 -20.96 18.63
C GLN A 310 -2.90 -19.70 18.35
N ALA A 311 -2.57 -19.02 17.27
CA ALA A 311 -3.30 -17.83 16.90
C ALA A 311 -4.77 -18.18 16.59
N CYS A 312 -5.04 -19.29 15.86
CA CYS A 312 -6.40 -19.69 15.54
C CYS A 312 -7.26 -19.92 16.80
N THR A 313 -6.69 -20.62 17.78
CA THR A 313 -7.43 -20.90 19.01
C THR A 313 -7.76 -19.63 19.79
N LEU A 314 -6.87 -18.63 19.77
CA LEU A 314 -7.12 -17.35 20.44
C LEU A 314 -8.34 -16.64 19.84
N LEU A 315 -8.51 -16.69 18.52
CA LEU A 315 -9.69 -16.08 17.87
C LEU A 315 -10.99 -16.85 18.19
N GLY A 316 -10.88 -18.06 18.73
CA GLY A 316 -12.01 -18.92 19.08
C GLY A 316 -12.27 -20.00 18.04
N ILE A 317 -11.33 -20.21 17.12
CA ILE A 317 -11.44 -21.21 16.08
C ILE A 317 -11.00 -22.53 16.68
N SER A 318 -11.94 -23.46 16.85
CA SER A 318 -11.66 -24.75 17.47
C SER A 318 -10.82 -25.66 16.57
N GLU A 319 -10.30 -26.73 17.15
CA GLU A 319 -9.45 -27.69 16.45
C GLU A 319 -10.16 -28.32 15.24
N SER A 320 -11.47 -28.59 15.34
CA SER A 320 -12.24 -29.16 14.23
C SER A 320 -12.21 -28.25 13.01
N TYR A 321 -12.33 -26.95 13.24
CA TYR A 321 -12.27 -25.96 12.18
C TYR A 321 -10.86 -25.97 11.54
N GLN A 322 -9.82 -26.00 12.38
CA GLN A 322 -8.42 -25.99 11.96
C GLN A 322 -8.07 -27.25 11.16
N MET A 323 -8.48 -28.43 11.63
CA MET A 323 -8.23 -29.67 10.91
C MET A 323 -8.98 -29.66 9.58
N GLY A 324 -10.17 -29.05 9.56
CA GLY A 324 -10.94 -28.93 8.35
C GLY A 324 -10.18 -28.14 7.28
N ILE A 325 -9.60 -26.97 7.63
CA ILE A 325 -8.81 -26.22 6.65
C ILE A 325 -7.56 -26.99 6.20
N PHE A 326 -6.87 -27.69 7.12
CA PHE A 326 -5.70 -28.44 6.69
C PHE A 326 -6.09 -29.52 5.68
N ARG A 327 -7.29 -30.12 5.81
CA ARG A 327 -7.78 -31.14 4.87
C ARG A 327 -7.92 -30.55 3.47
N ILE A 328 -8.45 -29.34 3.36
CA ILE A 328 -8.62 -28.70 2.05
C ILE A 328 -7.27 -28.50 1.39
N LEU A 329 -6.32 -27.96 2.15
CA LEU A 329 -4.98 -27.68 1.66
C LEU A 329 -4.28 -28.97 1.25
N ALA A 330 -4.39 -30.02 2.05
CA ALA A 330 -3.80 -31.31 1.75
C ALA A 330 -4.40 -31.83 0.44
N GLY A 331 -5.71 -31.70 0.28
CA GLY A 331 -6.41 -32.13 -0.92
C GLY A 331 -5.87 -31.38 -2.14
N ILE A 332 -5.61 -30.07 -2.04
CA ILE A 332 -5.05 -29.33 -3.18
C ILE A 332 -3.69 -29.92 -3.55
N LEU A 333 -2.86 -30.27 -2.56
CA LEU A 333 -1.56 -30.87 -2.86
C LEU A 333 -1.72 -32.21 -3.57
N HIS A 334 -2.60 -33.09 -3.08
CA HIS A 334 -2.83 -34.40 -3.69
C HIS A 334 -3.42 -34.26 -5.10
N LEU A 335 -4.22 -33.23 -5.35
CA LEU A 335 -4.75 -33.01 -6.69
C LEU A 335 -3.59 -32.69 -7.66
N GLY A 336 -2.62 -31.89 -7.21
CA GLY A 336 -1.49 -31.45 -8.01
C GLY A 336 -0.63 -32.54 -8.60
N ASN A 337 -0.57 -33.72 -7.98
CA ASN A 337 0.21 -34.84 -8.46
C ASN A 337 -0.64 -35.97 -9.07
N VAL A 338 -1.88 -35.71 -9.51
CA VAL A 338 -2.67 -36.76 -10.19
C VAL A 338 -2.12 -36.94 -11.62
N GLY A 339 -1.86 -38.19 -12.03
CA GLY A 339 -1.36 -38.53 -13.36
C GLY A 339 -2.48 -38.55 -14.42
N PHE A 340 -2.26 -37.87 -15.53
CA PHE A 340 -3.20 -37.75 -16.65
C PHE A 340 -2.50 -38.19 -17.96
N ALA A 341 -3.06 -39.14 -18.70
CA ALA A 341 -2.48 -39.70 -19.91
C ALA A 341 -3.23 -39.31 -21.21
N SER A 342 -2.49 -39.17 -22.31
CA SER A 342 -3.03 -38.81 -23.62
C SER A 342 -3.64 -40.02 -24.35
N ARG A 343 -4.78 -39.79 -25.00
CA ARG A 343 -5.52 -40.75 -25.83
C ARG A 343 -5.66 -40.08 -27.19
N ASP A 344 -5.05 -40.66 -28.23
CA ASP A 344 -5.04 -40.07 -29.58
C ASP A 344 -4.53 -38.61 -29.51
N SER A 345 -4.92 -37.75 -30.46
CA SER A 345 -4.51 -36.34 -30.44
C SER A 345 -5.33 -35.44 -29.49
N ASP A 346 -6.64 -35.68 -29.39
CA ASP A 346 -7.54 -34.75 -28.67
C ASP A 346 -8.33 -35.34 -27.49
N SER A 347 -7.85 -36.44 -26.89
CA SER A 347 -8.51 -37.09 -25.75
C SER A 347 -7.51 -37.35 -24.61
N CYS A 348 -8.03 -37.47 -23.39
CA CYS A 348 -7.23 -37.75 -22.20
C CYS A 348 -7.96 -38.79 -21.33
N THR A 349 -7.25 -39.43 -20.43
CA THR A 349 -7.80 -40.43 -19.50
C THR A 349 -6.99 -40.44 -18.21
N ILE A 350 -7.66 -40.61 -17.06
CA ILE A 350 -6.98 -40.69 -15.77
C ILE A 350 -7.43 -42.00 -15.11
N PRO A 351 -6.53 -42.87 -14.65
CA PRO A 351 -6.94 -44.17 -14.09
C PRO A 351 -7.62 -44.07 -12.72
N PRO A 352 -8.71 -44.84 -12.46
CA PRO A 352 -9.37 -44.86 -11.15
C PRO A 352 -8.45 -45.41 -10.03
N LYS A 353 -7.32 -46.02 -10.42
CA LYS A 353 -6.28 -46.59 -9.57
C LYS A 353 -5.25 -45.59 -9.01
N HIS A 354 -5.06 -44.41 -9.62
CA HIS A 354 -4.04 -43.44 -9.19
C HIS A 354 -4.03 -43.17 -7.67
N GLU A 355 -2.88 -43.33 -7.04
CA GLU A 355 -2.77 -43.17 -5.59
C GLU A 355 -3.17 -41.76 -5.12
N PRO A 356 -2.65 -40.66 -5.68
CA PRO A 356 -3.04 -39.31 -5.26
C PRO A 356 -4.54 -38.99 -5.38
N LEU A 357 -5.19 -39.40 -6.45
CA LEU A 357 -6.62 -39.15 -6.59
C LEU A 357 -7.41 -39.99 -5.58
N THR A 358 -6.86 -41.11 -5.10
CA THR A 358 -7.55 -41.92 -4.10
C THR A 358 -7.69 -41.12 -2.81
N ILE A 359 -6.60 -40.57 -2.27
CA ILE A 359 -6.75 -39.78 -1.05
C ILE A 359 -7.49 -38.48 -1.34
N PHE A 360 -7.33 -37.88 -2.51
CA PHE A 360 -8.11 -36.70 -2.82
C PHE A 360 -9.60 -37.02 -2.67
N CYS A 361 -10.08 -38.10 -3.29
CA CYS A 361 -11.48 -38.48 -3.21
C CYS A 361 -11.87 -38.82 -1.78
N ASP A 362 -10.97 -39.44 -1.02
CA ASP A 362 -11.23 -39.80 0.37
C ASP A 362 -11.39 -38.55 1.25
N LEU A 363 -10.45 -37.60 1.16
CA LEU A 363 -10.48 -36.38 1.95
C LEU A 363 -11.68 -35.51 1.56
N MET A 364 -11.92 -35.34 0.25
CA MET A 364 -13.05 -34.54 -0.17
C MET A 364 -14.38 -35.26 0.04
N GLY A 365 -14.39 -36.59 0.14
CA GLY A 365 -15.62 -37.35 0.27
C GLY A 365 -16.37 -37.28 -1.07
N VAL A 366 -15.66 -37.69 -2.14
CA VAL A 366 -16.12 -37.68 -3.55
C VAL A 366 -15.90 -39.05 -4.21
N ASP A 367 -16.60 -39.34 -5.31
CA ASP A 367 -16.48 -40.59 -6.06
C ASP A 367 -15.35 -40.50 -7.10
N TYR A 368 -14.41 -41.44 -7.02
CA TYR A 368 -13.26 -41.48 -7.90
C TYR A 368 -13.66 -41.60 -9.37
N GLU A 369 -14.59 -42.50 -9.69
CA GLU A 369 -15.02 -42.73 -11.06
C GLU A 369 -15.59 -41.46 -11.72
N GLU A 370 -16.37 -40.68 -10.96
CA GLU A 370 -16.93 -39.44 -11.48
C GLU A 370 -15.84 -38.39 -11.75
N MET A 371 -14.86 -38.26 -10.85
CA MET A 371 -13.78 -37.31 -11.07
C MET A 371 -12.92 -37.72 -12.26
N CYS A 372 -12.66 -39.03 -12.46
CA CYS A 372 -11.89 -39.46 -13.62
C CYS A 372 -12.62 -39.03 -14.88
N HIS A 373 -13.93 -39.24 -14.92
CA HIS A 373 -14.74 -38.87 -16.07
C HIS A 373 -14.74 -37.36 -16.30
N TRP A 374 -15.03 -36.53 -15.30
CA TRP A 374 -15.06 -35.09 -15.54
C TRP A 374 -13.70 -34.45 -15.74
N LEU A 375 -12.59 -34.99 -15.23
CA LEU A 375 -11.28 -34.41 -15.53
C LEU A 375 -10.95 -34.70 -17.00
N CYS A 376 -11.46 -35.79 -17.58
CA CYS A 376 -11.26 -36.18 -18.98
C CYS A 376 -12.31 -35.69 -19.99
N HIS A 377 -13.49 -35.22 -19.57
CA HIS A 377 -14.55 -34.73 -20.47
C HIS A 377 -15.31 -33.52 -19.92
N ARG A 378 -15.88 -32.72 -20.82
CA ARG A 378 -16.66 -31.51 -20.50
C ARG A 378 -18.05 -31.60 -21.12
N LYS A 379 -19.04 -31.05 -20.45
CA LYS A 379 -20.45 -31.00 -20.86
C LYS A 379 -20.82 -29.63 -21.42
N LEU A 380 -21.65 -29.65 -22.44
CA LEU A 380 -22.27 -28.49 -23.09
C LEU A 380 -23.77 -28.75 -22.92
N ALA A 381 -24.48 -27.82 -22.31
CA ALA A 381 -25.91 -27.94 -22.07
C ALA A 381 -26.70 -26.99 -22.96
N THR A 382 -27.74 -27.52 -23.60
CA THR A 382 -28.68 -26.81 -24.48
C THR A 382 -30.07 -26.98 -23.86
N ALA A 383 -31.07 -26.21 -24.28
CA ALA A 383 -32.41 -26.33 -23.71
C ALA A 383 -32.97 -27.77 -23.87
N THR A 384 -32.81 -28.33 -25.07
CA THR A 384 -33.25 -29.68 -25.42
C THR A 384 -32.36 -30.85 -24.97
N GLU A 385 -31.03 -30.76 -25.12
CA GLU A 385 -30.09 -31.88 -24.84
C GLU A 385 -28.71 -31.47 -24.28
N THR A 386 -27.87 -32.47 -23.96
CA THR A 386 -26.49 -32.26 -23.51
C THR A 386 -25.53 -32.95 -24.47
N TYR A 387 -24.40 -32.29 -24.71
CA TYR A 387 -23.32 -32.75 -25.56
C TYR A 387 -22.03 -32.89 -24.74
N ILE A 388 -21.22 -33.94 -24.97
CA ILE A 388 -19.94 -34.13 -24.25
C ILE A 388 -18.76 -34.06 -25.20
N LYS A 389 -17.75 -33.28 -24.79
CA LYS A 389 -16.49 -33.15 -25.53
C LYS A 389 -15.35 -33.72 -24.72
N PRO A 390 -14.55 -34.63 -25.29
CA PRO A 390 -13.37 -35.10 -24.61
C PRO A 390 -12.35 -33.96 -24.58
N ILE A 391 -11.44 -33.93 -23.61
CA ILE A 391 -10.43 -32.86 -23.51
C ILE A 391 -9.01 -33.36 -23.81
N SER A 392 -8.14 -32.50 -24.33
CA SER A 392 -6.75 -32.86 -24.59
C SER A 392 -5.99 -32.96 -23.26
N LYS A 393 -4.79 -33.56 -23.25
CA LYS A 393 -3.99 -33.69 -22.03
C LYS A 393 -3.70 -32.32 -21.39
N LEU A 394 -3.39 -31.33 -22.22
CA LEU A 394 -3.12 -29.94 -21.83
C LEU A 394 -4.36 -29.32 -21.17
N GLN A 395 -5.53 -29.55 -21.76
CA GLN A 395 -6.79 -29.07 -21.22
C GLN A 395 -7.10 -29.75 -19.89
N ALA A 396 -6.82 -31.05 -19.73
CA ALA A 396 -7.08 -31.77 -18.48
C ALA A 396 -6.28 -31.13 -17.33
N THR A 397 -5.00 -30.87 -17.54
CA THR A 397 -4.16 -30.26 -16.52
C THR A 397 -4.59 -28.82 -16.24
N ASN A 398 -4.98 -28.07 -17.28
CA ASN A 398 -5.47 -26.73 -17.10
C ASN A 398 -6.76 -26.74 -16.25
N ALA A 399 -7.69 -27.66 -16.53
CA ALA A 399 -8.95 -27.80 -15.79
C ALA A 399 -8.69 -28.10 -14.31
N ARG A 400 -7.76 -29.02 -14.07
CA ARG A 400 -7.35 -29.43 -12.74
C ARG A 400 -6.78 -28.22 -11.97
N ASP A 401 -5.90 -27.46 -12.60
CA ASP A 401 -5.29 -26.31 -11.98
C ASP A 401 -6.29 -25.19 -11.68
N ALA A 402 -7.25 -24.95 -12.58
CA ALA A 402 -8.25 -23.92 -12.36
C ALA A 402 -9.08 -24.21 -11.09
N LEU A 403 -9.43 -25.48 -10.91
CA LEU A 403 -10.14 -25.90 -9.71
C LEU A 403 -9.30 -25.64 -8.47
N ALA A 404 -8.00 -25.93 -8.52
CA ALA A 404 -7.11 -25.70 -7.39
C ALA A 404 -7.12 -24.21 -7.01
N LYS A 405 -7.03 -23.30 -7.99
CA LYS A 405 -7.07 -21.86 -7.70
C LYS A 405 -8.40 -21.50 -7.05
N HIS A 406 -9.50 -21.99 -7.60
CA HIS A 406 -10.85 -21.71 -7.12
C HIS A 406 -11.03 -22.13 -5.67
N ILE A 407 -10.63 -23.35 -5.32
CA ILE A 407 -10.76 -23.86 -3.96
C ILE A 407 -9.99 -22.95 -3.00
N TYR A 408 -8.74 -22.63 -3.36
CA TYR A 408 -7.91 -21.80 -2.51
C TYR A 408 -8.55 -20.44 -2.27
N ALA A 409 -9.15 -19.87 -3.31
CA ALA A 409 -9.81 -18.58 -3.22
C ALA A 409 -10.98 -18.62 -2.23
N LYS A 410 -11.87 -19.61 -2.35
CA LYS A 410 -13.00 -19.74 -1.43
C LYS A 410 -12.50 -19.91 -0.01
N LEU A 411 -11.45 -20.69 0.18
CA LEU A 411 -10.90 -20.93 1.49
C LEU A 411 -10.39 -19.65 2.13
N PHE A 412 -9.62 -18.85 1.40
CA PHE A 412 -9.13 -17.58 1.94
C PHE A 412 -10.28 -16.69 2.41
N ASN A 413 -11.32 -16.58 1.58
CA ASN A 413 -12.46 -15.76 1.93
C ASN A 413 -13.17 -16.28 3.17
N TRP A 414 -13.30 -17.60 3.31
CA TRP A 414 -13.98 -18.16 4.47
C TRP A 414 -13.30 -17.78 5.78
N ILE A 415 -11.97 -17.81 5.76
CA ILE A 415 -11.19 -17.49 6.94
C ILE A 415 -11.43 -16.05 7.34
N VAL A 416 -11.33 -15.10 6.40
CA VAL A 416 -11.53 -13.70 6.76
C VAL A 416 -12.94 -13.44 7.30
N ASP A 417 -13.94 -14.13 6.78
CA ASP A 417 -15.29 -13.92 7.29
C ASP A 417 -15.35 -14.29 8.77
N HIS A 418 -14.75 -15.41 9.14
CA HIS A 418 -14.75 -15.85 10.52
C HIS A 418 -13.95 -14.92 11.41
N VAL A 419 -12.81 -14.38 10.96
CA VAL A 419 -12.10 -13.44 11.84
C VAL A 419 -13.00 -12.22 12.04
N ASN A 420 -13.70 -11.75 11.00
CA ASN A 420 -14.58 -10.60 11.14
C ASN A 420 -15.71 -10.90 12.13
N GLN A 421 -16.24 -12.12 12.11
CA GLN A 421 -17.27 -12.52 13.08
C GLN A 421 -16.70 -12.43 14.49
N ALA A 422 -15.46 -12.89 14.70
CA ALA A 422 -14.81 -12.81 16.00
C ALA A 422 -14.54 -11.35 16.42
N LEU A 423 -14.23 -10.47 15.46
CA LEU A 423 -13.96 -9.04 15.67
C LEU A 423 -15.21 -8.15 15.80
N HIS A 424 -16.40 -8.68 15.51
CA HIS A 424 -17.67 -7.96 15.59
C HIS A 424 -17.95 -7.36 16.98
N SER A 425 -18.77 -6.31 17.04
CA SER A 425 -19.14 -5.60 18.29
C SER A 425 -20.65 -5.42 18.41
N ALA A 426 -21.17 -5.61 19.62
CA ALA A 426 -22.59 -5.38 19.91
C ALA A 426 -22.93 -3.88 20.02
N VAL A 427 -22.04 -3.11 20.67
CA VAL A 427 -22.18 -1.65 20.92
C VAL A 427 -22.14 -0.80 19.65
N LYS A 428 -22.49 0.48 19.80
CA LYS A 428 -22.49 1.46 18.72
C LYS A 428 -21.11 2.11 18.55
N GLN A 429 -20.74 2.41 17.31
CA GLN A 429 -19.45 3.01 16.97
C GLN A 429 -19.50 4.53 17.09
N HIS A 430 -18.77 5.09 18.05
CA HIS A 430 -18.65 6.53 18.18
C HIS A 430 -17.77 7.09 17.04
N SER A 431 -16.63 6.46 16.78
CA SER A 431 -15.65 6.84 15.75
C SER A 431 -14.75 5.65 15.36
N PHE A 432 -13.94 5.80 14.32
CA PHE A 432 -13.01 4.74 13.91
C PHE A 432 -11.72 5.28 13.29
N ILE A 433 -10.69 4.44 13.32
CA ILE A 433 -9.40 4.68 12.70
C ILE A 433 -9.20 3.59 11.66
N GLY A 434 -8.91 3.96 10.44
CA GLY A 434 -8.65 3.00 9.38
C GLY A 434 -7.16 2.86 9.08
N VAL A 435 -6.67 1.65 8.85
CA VAL A 435 -5.26 1.39 8.50
C VAL A 435 -5.23 0.67 7.15
N LEU A 436 -4.44 1.19 6.22
CA LEU A 436 -4.28 0.60 4.90
C LEU A 436 -2.92 -0.08 4.72
N ASP A 437 -2.98 -1.29 4.20
CA ASP A 437 -1.86 -2.16 3.95
C ASP A 437 -2.05 -2.83 2.59
N ILE A 438 -1.39 -2.29 1.56
CA ILE A 438 -1.56 -2.67 0.16
C ILE A 438 -0.24 -3.09 -0.47
N TYR A 439 -0.29 -4.09 -1.35
CA TYR A 439 0.91 -4.44 -2.09
C TYR A 439 1.45 -3.24 -2.88
N GLY A 440 2.75 -3.01 -2.76
CA GLY A 440 3.48 -1.90 -3.35
C GLY A 440 3.89 -2.11 -4.82
N PHE A 441 4.25 -1.03 -5.54
CA PHE A 441 4.72 -1.11 -6.92
C PHE A 441 5.81 -2.18 -7.10
N GLU A 442 5.73 -2.94 -8.18
CA GLU A 442 6.63 -4.05 -8.48
C GLU A 442 6.90 -4.18 -9.98
N THR A 443 8.04 -4.75 -10.33
CA THR A 443 8.37 -5.08 -11.73
C THR A 443 9.38 -6.22 -11.75
N PHE A 444 9.33 -7.08 -12.76
CA PHE A 444 10.21 -8.22 -12.94
C PHE A 444 10.61 -8.36 -14.40
N GLU A 445 11.39 -9.40 -14.72
CA GLU A 445 11.81 -9.71 -16.08
C GLU A 445 10.60 -9.92 -16.98
N ILE A 446 9.56 -10.55 -16.43
CA ILE A 446 8.28 -10.81 -17.07
C ILE A 446 7.18 -10.24 -16.18
N ASN A 447 6.24 -9.51 -16.75
CA ASN A 447 5.12 -8.91 -16.01
C ASN A 447 3.81 -9.30 -16.70
N SER A 448 2.77 -9.59 -15.91
CA SER A 448 1.46 -9.99 -16.43
C SER A 448 0.32 -9.24 -15.74
N PHE A 449 -0.90 -9.74 -15.92
CA PHE A 449 -2.17 -9.18 -15.45
C PHE A 449 -2.11 -8.80 -13.96
N GLU A 450 -1.50 -9.64 -13.14
CA GLU A 450 -1.37 -9.35 -11.71
C GLU A 450 -0.56 -8.08 -11.51
N GLN A 451 0.59 -7.93 -12.19
CA GLN A 451 1.40 -6.72 -12.07
C GLN A 451 0.60 -5.52 -12.59
N PHE A 452 -0.20 -5.73 -13.61
CA PHE A 452 -1.01 -4.65 -14.15
C PHE A 452 -1.98 -4.13 -13.08
N CYS A 453 -2.66 -5.04 -12.39
CA CYS A 453 -3.65 -4.67 -11.39
C CYS A 453 -3.03 -3.94 -10.22
N ILE A 454 -1.97 -4.50 -9.65
CA ILE A 454 -1.29 -3.88 -8.50
C ILE A 454 -0.77 -2.50 -8.88
N ASN A 455 -0.15 -2.35 -10.05
CA ASN A 455 0.37 -1.04 -10.42
C ASN A 455 -0.79 -0.07 -10.61
N TYR A 456 -1.89 -0.52 -11.19
CA TYR A 456 -3.06 0.32 -11.35
C TYR A 456 -3.59 0.76 -9.98
N ALA A 457 -3.62 -0.12 -8.99
CA ALA A 457 -4.07 0.25 -7.65
C ALA A 457 -3.12 1.31 -7.05
N ASN A 458 -1.81 1.15 -7.23
CA ASN A 458 -0.84 2.12 -6.74
C ASN A 458 -1.02 3.48 -7.41
N GLU A 459 -1.41 3.49 -8.68
CA GLU A 459 -1.68 4.73 -9.42
C GLU A 459 -2.83 5.49 -8.75
N LYS A 460 -3.88 4.76 -8.35
CA LYS A 460 -5.05 5.33 -7.68
C LYS A 460 -4.68 5.93 -6.33
N LEU A 461 -3.80 5.28 -5.59
CA LEU A 461 -3.39 5.81 -4.29
C LEU A 461 -2.69 7.15 -4.48
N GLN A 462 -1.83 7.23 -5.49
CA GLN A 462 -1.16 8.47 -5.81
C GLN A 462 -2.17 9.53 -6.21
N GLN A 463 -3.20 9.15 -6.97
CA GLN A 463 -4.21 10.11 -7.38
C GLN A 463 -4.95 10.65 -6.16
N GLN A 464 -5.32 9.79 -5.21
CA GLN A 464 -6.04 10.22 -4.01
C GLN A 464 -5.18 11.19 -3.19
N PHE A 465 -3.90 10.83 -3.04
CA PHE A 465 -2.93 11.62 -2.31
C PHE A 465 -2.76 13.00 -2.97
N ASN A 466 -2.54 13.03 -4.28
CA ASN A 466 -2.36 14.27 -5.01
C ASN A 466 -3.63 15.13 -5.02
N MET A 467 -4.79 14.51 -5.15
CA MET A 467 -6.05 15.23 -5.16
C MET A 467 -6.24 15.97 -3.84
N HIS A 468 -6.05 15.27 -2.74
CA HIS A 468 -6.21 15.86 -1.43
C HIS A 468 -5.12 16.89 -1.13
N VAL A 469 -3.85 16.52 -1.29
CA VAL A 469 -2.71 17.38 -0.98
C VAL A 469 -2.54 18.57 -1.91
N PHE A 470 -2.43 18.37 -3.22
CA PHE A 470 -2.18 19.48 -4.14
C PHE A 470 -3.42 20.10 -4.75
N LYS A 471 -4.20 19.31 -5.46
CA LYS A 471 -5.30 19.83 -6.26
C LYS A 471 -6.39 20.55 -5.47
N LEU A 472 -7.04 19.84 -4.57
CA LEU A 472 -8.13 20.39 -3.77
C LEU A 472 -7.64 21.58 -2.95
N GLU A 473 -6.45 21.47 -2.35
CA GLU A 473 -5.93 22.53 -1.52
C GLU A 473 -5.59 23.83 -2.25
N GLN A 474 -4.79 23.83 -3.33
CA GLN A 474 -4.50 25.14 -3.95
C GLN A 474 -5.71 25.76 -4.65
N GLU A 475 -6.64 24.95 -5.16
CA GLU A 475 -7.84 25.49 -5.81
C GLU A 475 -8.64 26.34 -4.80
N GLU A 476 -8.66 25.92 -3.53
CA GLU A 476 -9.33 26.68 -2.49
C GLU A 476 -8.69 28.08 -2.34
N TYR A 477 -7.36 28.18 -2.33
CA TYR A 477 -6.71 29.50 -2.18
C TYR A 477 -7.07 30.46 -3.32
N MET A 478 -7.18 29.95 -4.54
CA MET A 478 -7.54 30.78 -5.69
C MET A 478 -8.95 31.37 -5.48
N LYS A 479 -9.89 30.53 -5.02
CA LYS A 479 -11.28 30.93 -4.75
C LYS A 479 -11.34 31.91 -3.58
N GLU A 480 -10.48 31.71 -2.57
CA GLU A 480 -10.33 32.53 -1.38
C GLU A 480 -9.68 33.90 -1.59
N GLN A 481 -9.10 34.20 -2.75
CA GLN A 481 -8.49 35.50 -3.03
C GLN A 481 -7.41 35.90 -2.01
N ILE A 482 -6.43 35.03 -1.85
CA ILE A 482 -5.27 35.20 -0.98
C ILE A 482 -4.02 35.13 -1.88
N PRO A 483 -2.93 35.87 -1.61
CA PRO A 483 -1.75 35.81 -2.46
C PRO A 483 -1.22 34.38 -2.45
N TRP A 484 -1.15 33.77 -3.62
CA TRP A 484 -0.74 32.38 -3.79
C TRP A 484 0.08 32.15 -5.04
N THR A 485 1.23 31.51 -4.86
CA THR A 485 2.13 31.11 -5.94
C THR A 485 1.83 29.64 -6.20
N LEU A 486 1.59 29.29 -7.47
CA LEU A 486 1.25 27.91 -7.80
C LEU A 486 2.41 26.95 -7.53
N ILE A 487 2.09 25.80 -6.95
CA ILE A 487 3.07 24.74 -6.71
C ILE A 487 2.78 23.62 -7.71
N ASP A 488 3.79 23.29 -8.50
CA ASP A 488 3.66 22.26 -9.53
C ASP A 488 3.79 20.85 -8.96
N PHE A 489 3.09 19.90 -9.59
CA PHE A 489 3.13 18.48 -9.26
C PHE A 489 2.90 17.67 -10.54
N TYR A 490 3.35 16.42 -10.58
CA TYR A 490 3.17 15.59 -11.75
C TYR A 490 1.82 14.90 -11.64
N ASP A 491 0.83 15.34 -12.42
CA ASP A 491 -0.49 14.76 -12.40
C ASP A 491 -0.57 13.48 -13.25
N ASN A 492 -0.92 12.35 -12.63
CA ASN A 492 -1.03 11.06 -13.30
C ASN A 492 -2.45 10.78 -13.84
N GLN A 493 -3.37 11.74 -13.84
CA GLN A 493 -4.72 11.55 -14.34
C GLN A 493 -4.79 10.96 -15.76
N PRO A 494 -3.90 11.31 -16.71
CA PRO A 494 -3.97 10.77 -18.06
C PRO A 494 -3.85 9.24 -18.14
N CYS A 495 -2.87 8.64 -17.44
CA CYS A 495 -2.71 7.18 -17.48
C CYS A 495 -3.91 6.49 -16.80
N ILE A 496 -4.45 7.12 -15.77
CA ILE A 496 -5.62 6.61 -15.06
C ILE A 496 -6.78 6.55 -16.04
N ASN A 497 -6.97 7.59 -16.85
CA ASN A 497 -8.03 7.60 -17.85
C ASN A 497 -7.75 6.50 -18.88
N LEU A 498 -6.51 6.34 -19.32
CA LEU A 498 -6.13 5.30 -20.28
C LEU A 498 -6.49 3.90 -19.77
N ILE A 499 -6.42 3.67 -18.46
CA ILE A 499 -6.78 2.38 -17.88
C ILE A 499 -8.30 2.27 -17.64
N GLU A 500 -8.88 3.23 -16.90
CA GLU A 500 -10.27 3.24 -16.46
C GLU A 500 -11.37 3.78 -17.38
N SER A 501 -11.09 4.73 -18.27
CA SER A 501 -12.11 5.36 -19.11
C SER A 501 -12.84 4.40 -20.05
N LYS A 502 -13.91 4.88 -20.71
CA LYS A 502 -14.72 4.12 -21.66
C LYS A 502 -13.90 3.57 -22.83
N LEU A 503 -12.93 4.37 -23.29
CA LEU A 503 -11.98 4.01 -24.33
C LEU A 503 -10.73 3.30 -23.78
N GLY A 504 -10.65 3.17 -22.45
CA GLY A 504 -9.54 2.57 -21.73
C GLY A 504 -9.25 1.09 -21.99
N ILE A 505 -8.05 0.69 -21.59
CA ILE A 505 -7.46 -0.63 -21.75
C ILE A 505 -8.35 -1.72 -21.15
N LEU A 506 -8.84 -1.51 -19.92
CA LEU A 506 -9.69 -2.50 -19.26
C LEU A 506 -11.00 -2.71 -20.02
N ASP A 507 -11.57 -1.62 -20.53
CA ASP A 507 -12.84 -1.69 -21.26
C ASP A 507 -12.63 -2.50 -22.56
N LEU A 508 -11.54 -2.23 -23.29
CA LEU A 508 -11.23 -2.96 -24.50
C LEU A 508 -10.99 -4.46 -24.23
N LEU A 509 -10.36 -4.80 -23.10
CA LEU A 509 -10.12 -6.20 -22.77
C LEU A 509 -11.46 -6.88 -22.54
N ASP A 510 -12.34 -6.21 -21.80
CA ASP A 510 -13.68 -6.70 -21.52
C ASP A 510 -14.46 -6.87 -22.84
N GLU A 511 -14.34 -5.95 -23.80
CA GLU A 511 -14.99 -6.12 -25.10
C GLU A 511 -14.43 -7.35 -25.81
N GLU A 512 -13.11 -7.58 -25.78
CA GLU A 512 -12.53 -8.79 -26.39
C GLU A 512 -13.03 -10.04 -25.67
N CYS A 513 -13.30 -9.97 -24.36
CA CYS A 513 -13.86 -11.07 -23.61
C CYS A 513 -15.28 -11.38 -24.08
N LYS A 514 -16.05 -10.40 -24.58
CA LYS A 514 -17.41 -10.64 -25.11
C LYS A 514 -17.35 -11.55 -26.33
N MET A 515 -16.39 -11.32 -27.23
CA MET A 515 -16.26 -12.12 -28.44
C MET A 515 -15.73 -13.53 -28.19
N PRO A 516 -16.38 -14.59 -28.72
CA PRO A 516 -15.86 -15.95 -28.59
C PRO A 516 -14.56 -16.08 -29.40
N LYS A 517 -14.49 -15.33 -30.51
CA LYS A 517 -13.34 -15.21 -31.41
C LYS A 517 -12.21 -14.38 -30.79
N GLY A 518 -12.51 -13.61 -29.73
CA GLY A 518 -11.57 -12.74 -29.03
C GLY A 518 -10.26 -13.47 -28.69
N THR A 519 -9.12 -12.80 -28.87
CA THR A 519 -7.79 -13.38 -28.62
C THR A 519 -6.85 -12.32 -28.07
N ASP A 520 -5.84 -12.72 -27.29
CA ASP A 520 -4.85 -11.78 -26.72
C ASP A 520 -4.13 -11.04 -27.88
N ASP A 521 -3.84 -11.74 -28.97
CA ASP A 521 -3.20 -11.17 -30.16
C ASP A 521 -4.09 -10.09 -30.76
N THR A 522 -5.39 -10.37 -30.88
CA THR A 522 -6.38 -9.45 -31.41
C THR A 522 -6.51 -8.25 -30.50
N TRP A 523 -6.55 -8.47 -29.19
CA TRP A 523 -6.64 -7.38 -28.23
C TRP A 523 -5.40 -6.49 -28.33
N ALA A 524 -4.21 -7.07 -28.37
CA ALA A 524 -2.97 -6.31 -28.53
C ALA A 524 -3.02 -5.51 -29.84
N GLN A 525 -3.52 -6.12 -30.91
CA GLN A 525 -3.64 -5.41 -32.17
C GLN A 525 -4.62 -4.25 -32.03
N LYS A 526 -5.74 -4.44 -31.32
CA LYS A 526 -6.72 -3.40 -31.07
C LYS A 526 -6.12 -2.26 -30.25
N LEU A 527 -5.26 -2.59 -29.28
CA LEU A 527 -4.55 -1.58 -28.51
C LEU A 527 -3.62 -0.80 -29.44
N TYR A 528 -2.85 -1.48 -30.30
CA TYR A 528 -1.95 -0.80 -31.23
C TYR A 528 -2.75 0.09 -32.17
N ASN A 529 -3.84 -0.40 -32.75
CA ASN A 529 -4.68 0.39 -33.66
C ASN A 529 -5.23 1.63 -32.97
N THR A 530 -5.72 1.47 -31.74
CA THR A 530 -6.32 2.58 -30.99
C THR A 530 -5.31 3.58 -30.45
N HIS A 531 -4.15 3.12 -29.95
CA HIS A 531 -3.19 3.98 -29.25
C HIS A 531 -1.72 4.04 -29.69
N LEU A 532 -1.20 3.17 -30.56
CA LEU A 532 0.25 3.11 -30.93
C LEU A 532 0.95 4.46 -31.07
N ASN A 533 0.40 5.38 -31.85
CA ASN A 533 0.95 6.73 -32.03
C ASN A 533 -0.05 7.82 -31.60
N LYS A 534 -1.26 7.44 -31.20
CA LYS A 534 -2.32 8.36 -30.74
C LYS A 534 -2.14 8.77 -29.27
N CYS A 535 -1.37 8.00 -28.50
CA CYS A 535 -1.11 8.19 -27.07
C CYS A 535 0.40 8.38 -26.76
N ALA A 536 0.70 9.15 -25.71
CA ALA A 536 2.07 9.39 -25.22
C ALA A 536 2.45 8.44 -24.05
N LEU A 537 1.47 8.02 -23.24
CA LEU A 537 1.65 7.10 -22.10
C LEU A 537 1.92 5.65 -22.53
N PHE A 538 1.40 5.28 -23.71
CA PHE A 538 1.48 3.95 -24.32
C PHE A 538 2.44 3.87 -25.50
N GLU A 539 3.28 2.83 -25.52
CA GLU A 539 4.25 2.57 -26.60
C GLU A 539 4.48 1.06 -26.77
N LYS A 540 5.06 0.64 -27.90
CA LYS A 540 5.43 -0.76 -28.14
C LYS A 540 6.93 -0.88 -28.43
N PRO A 541 7.63 -1.87 -27.85
CA PRO A 541 9.05 -2.08 -28.11
C PRO A 541 9.29 -2.41 -29.59
N ARG A 542 10.48 -2.07 -30.11
CA ARG A 542 10.83 -2.31 -31.52
C ARG A 542 10.80 -3.79 -31.93
N MET A 543 11.29 -4.65 -31.05
CA MET A 543 11.45 -6.10 -31.29
C MET A 543 10.17 -6.95 -31.19
N SER A 544 9.17 -6.51 -30.41
CA SER A 544 7.97 -7.30 -30.11
C SER A 544 6.62 -6.77 -30.61
N ASN A 545 5.69 -7.70 -30.81
CA ASN A 545 4.29 -7.49 -31.17
C ASN A 545 3.34 -8.22 -30.18
N LYS A 546 3.93 -8.90 -29.18
CA LYS A 546 3.29 -9.67 -28.10
C LYS A 546 3.23 -8.93 -26.75
N ALA A 547 3.92 -7.81 -26.61
CA ALA A 547 3.97 -7.01 -25.39
C ALA A 547 3.82 -5.50 -25.67
N PHE A 548 3.55 -4.73 -24.62
CA PHE A 548 3.43 -3.28 -24.68
C PHE A 548 3.97 -2.65 -23.40
N ILE A 549 4.36 -1.37 -23.46
CA ILE A 549 4.91 -0.61 -22.34
C ILE A 549 4.06 0.61 -21.99
N ILE A 550 3.89 0.86 -20.69
CA ILE A 550 3.10 1.96 -20.13
C ILE A 550 3.87 2.76 -19.11
N LYS A 551 3.69 4.08 -19.16
CA LYS A 551 4.32 5.09 -18.31
C LYS A 551 3.54 5.30 -17.01
N HIS A 552 3.95 4.63 -15.93
CA HIS A 552 3.35 4.82 -14.60
C HIS A 552 4.07 5.93 -13.84
N PHE A 553 3.56 6.35 -12.67
CA PHE A 553 4.22 7.40 -11.87
C PHE A 553 5.65 7.03 -11.43
N ALA A 554 5.89 5.78 -11.05
CA ALA A 554 7.21 5.33 -10.60
C ALA A 554 8.20 5.05 -11.74
N ASP A 555 7.75 4.37 -12.80
CA ASP A 555 8.58 3.99 -13.95
C ASP A 555 7.71 3.47 -15.10
N LYS A 556 8.31 3.24 -16.26
CA LYS A 556 7.63 2.63 -17.40
C LYS A 556 7.69 1.11 -17.18
N VAL A 557 6.64 0.36 -17.52
CA VAL A 557 6.61 -1.11 -17.34
C VAL A 557 6.10 -1.81 -18.58
N GLU A 558 6.79 -2.88 -18.98
CA GLU A 558 6.43 -3.71 -20.12
C GLU A 558 5.65 -4.92 -19.63
N TYR A 559 4.51 -5.18 -20.26
CA TYR A 559 3.60 -6.27 -19.95
C TYR A 559 3.43 -7.22 -21.14
N GLN A 560 3.53 -8.54 -20.91
CA GLN A 560 3.30 -9.56 -21.94
C GLN A 560 1.80 -9.82 -22.07
N CYS A 561 1.26 -9.89 -23.28
CA CYS A 561 -0.18 -10.04 -23.51
C CYS A 561 -0.77 -11.46 -23.25
N GLU A 562 0.03 -12.53 -23.37
CA GLU A 562 -0.50 -13.89 -23.19
C GLU A 562 -1.18 -14.17 -21.85
N GLY A 563 -2.39 -14.75 -21.91
CA GLY A 563 -3.19 -15.12 -20.75
C GLY A 563 -4.14 -14.05 -20.24
N PHE A 564 -4.14 -12.84 -20.80
CA PHE A 564 -4.99 -11.75 -20.31
C PHE A 564 -6.48 -12.05 -20.40
N LEU A 565 -7.00 -12.55 -21.52
CA LEU A 565 -8.43 -12.88 -21.60
C LEU A 565 -8.80 -13.97 -20.60
N GLU A 566 -7.99 -15.02 -20.53
CA GLU A 566 -8.21 -16.16 -19.64
C GLU A 566 -8.27 -15.70 -18.19
N LYS A 567 -7.26 -14.93 -17.79
CA LYS A 567 -7.15 -14.39 -16.45
C LYS A 567 -8.26 -13.41 -16.16
N ASN A 568 -8.75 -12.69 -17.17
CA ASN A 568 -9.86 -11.77 -16.96
C ASN A 568 -11.16 -12.54 -16.71
N LYS A 569 -11.36 -13.65 -17.43
CA LYS A 569 -12.56 -14.49 -17.26
C LYS A 569 -12.58 -15.22 -15.92
N ASP A 570 -11.52 -15.96 -15.62
CA ASP A 570 -11.36 -16.72 -14.38
C ASP A 570 -12.55 -17.64 -14.03
N THR A 571 -12.77 -18.70 -14.80
CA THR A 571 -13.87 -19.67 -14.59
C THR A 571 -13.45 -21.15 -14.53
N VAL A 572 -14.28 -22.02 -13.94
CA VAL A 572 -14.10 -23.48 -13.76
C VAL A 572 -15.28 -24.25 -14.34
N PHE A 573 -15.04 -25.47 -14.82
CA PHE A 573 -16.06 -26.32 -15.40
C PHE A 573 -17.17 -26.64 -14.40
N GLU A 574 -18.40 -26.57 -14.89
CA GLU A 574 -19.61 -26.77 -14.09
C GLU A 574 -19.70 -28.16 -13.44
N GLU A 575 -19.15 -29.18 -14.09
CA GLU A 575 -19.17 -30.55 -13.58
C GLU A 575 -18.25 -30.68 -12.36
N GLN A 576 -17.08 -30.04 -12.41
CA GLN A 576 -16.15 -30.11 -11.30
C GLN A 576 -16.73 -29.40 -10.09
N ILE A 577 -17.27 -28.19 -10.27
CA ILE A 577 -17.91 -27.45 -9.17
C ILE A 577 -19.08 -28.29 -8.64
N LYS A 578 -19.85 -28.97 -9.51
CA LYS A 578 -20.95 -29.84 -9.08
C LYS A 578 -20.47 -31.04 -8.28
N VAL A 579 -19.35 -31.70 -8.66
CA VAL A 579 -18.90 -32.84 -7.85
C VAL A 579 -18.50 -32.32 -6.47
N LEU A 580 -17.85 -31.15 -6.38
CA LEU A 580 -17.51 -30.60 -5.07
C LEU A 580 -18.75 -30.14 -4.30
N LYS A 581 -19.79 -29.61 -4.95
CA LYS A 581 -21.05 -29.24 -4.27
C LYS A 581 -21.65 -30.48 -3.59
N SER A 582 -21.49 -31.65 -4.20
CA SER A 582 -22.00 -32.93 -3.69
C SER A 582 -21.08 -33.66 -2.69
N SER A 583 -20.00 -33.05 -2.22
CA SER A 583 -19.05 -33.66 -1.27
C SER A 583 -19.65 -34.12 0.07
N LYS A 584 -19.05 -35.16 0.68
CA LYS A 584 -19.48 -35.65 2.00
C LYS A 584 -18.92 -34.81 3.15
N PHE A 585 -17.80 -34.13 2.96
CA PHE A 585 -17.19 -33.27 3.96
C PHE A 585 -17.89 -31.91 4.01
N LYS A 586 -18.57 -31.57 5.11
CA LYS A 586 -19.42 -30.37 5.25
C LYS A 586 -18.80 -29.04 4.83
N MET A 587 -17.51 -28.84 5.09
CA MET A 587 -16.82 -27.59 4.73
C MET A 587 -16.78 -27.39 3.23
N LEU A 588 -16.50 -28.44 2.46
CA LEU A 588 -16.43 -28.35 1.01
C LEU A 588 -17.79 -27.91 0.47
N PRO A 589 -18.91 -28.59 0.79
CA PRO A 589 -20.20 -28.11 0.36
C PRO A 589 -20.51 -26.70 0.85
N GLU A 590 -20.03 -26.24 2.00
CA GLU A 590 -20.28 -24.85 2.41
C GLU A 590 -19.62 -23.84 1.45
N LEU A 591 -18.40 -24.10 0.98
CA LEU A 591 -17.72 -23.25 0.00
C LEU A 591 -18.36 -23.31 -1.38
N PHE A 592 -18.72 -24.52 -1.81
CA PHE A 592 -19.29 -24.78 -3.12
C PHE A 592 -20.75 -24.38 -3.21
N GLN A 593 -21.48 -24.35 -2.11
CA GLN A 593 -22.82 -23.80 -2.07
C GLN A 593 -22.66 -22.29 -2.28
N ALA A 594 -23.67 -21.60 -2.83
CA ALA A 594 -23.58 -20.16 -3.02
C ALA A 594 -23.72 -19.46 -1.66
N ILE A 595 -22.60 -19.36 -0.95
CA ILE A 595 -22.47 -18.78 0.38
C ILE A 595 -22.65 -17.26 0.34
N LYS A 628 -21.82 -11.45 -13.34
CA LYS A 628 -21.34 -11.63 -14.71
C LYS A 628 -20.08 -10.83 -15.02
N LYS A 629 -19.85 -9.75 -14.28
CA LYS A 629 -18.73 -8.82 -14.45
C LYS A 629 -17.38 -9.55 -14.35
N THR A 630 -16.37 -9.05 -15.05
CA THR A 630 -15.03 -9.66 -15.09
C THR A 630 -14.23 -9.31 -13.85
N VAL A 631 -13.10 -9.99 -13.66
CA VAL A 631 -12.25 -9.71 -12.49
C VAL A 631 -11.78 -8.26 -12.56
N GLY A 632 -11.45 -7.76 -13.77
CA GLY A 632 -11.01 -6.39 -13.96
C GLY A 632 -12.11 -5.39 -13.61
N HIS A 633 -13.35 -5.66 -14.03
CA HIS A 633 -14.44 -4.75 -13.71
C HIS A 633 -14.70 -4.75 -12.21
N GLN A 634 -14.70 -5.93 -11.60
CA GLN A 634 -14.92 -6.05 -10.18
C GLN A 634 -13.83 -5.29 -9.42
N PHE A 635 -12.60 -5.41 -9.89
CA PHE A 635 -11.46 -4.75 -9.31
C PHE A 635 -11.62 -3.23 -9.36
N ARG A 636 -12.03 -2.64 -10.50
CA ARG A 636 -12.17 -1.17 -10.56
C ARG A 636 -13.18 -0.70 -9.53
N ASN A 637 -14.37 -1.31 -9.48
CA ASN A 637 -15.38 -0.84 -8.53
C ASN A 637 -14.91 -1.02 -7.08
N SER A 638 -14.19 -2.09 -6.80
CA SER A 638 -13.70 -2.33 -5.47
C SER A 638 -12.77 -1.19 -5.05
N LEU A 639 -11.90 -0.75 -5.96
CA LEU A 639 -11.01 0.37 -5.69
C LEU A 639 -11.81 1.67 -5.54
N HIS A 640 -12.86 1.89 -6.35
CA HIS A 640 -13.66 3.11 -6.24
C HIS A 640 -14.28 3.23 -4.85
N LEU A 641 -14.90 2.15 -4.38
CA LEU A 641 -15.52 2.13 -3.07
C LEU A 641 -14.48 2.46 -1.99
N LEU A 642 -13.27 1.91 -2.12
CA LEU A 642 -12.22 2.19 -1.17
C LEU A 642 -11.80 3.67 -1.25
N MET A 643 -11.62 4.23 -2.43
CA MET A 643 -11.21 5.63 -2.58
C MET A 643 -12.24 6.53 -1.89
N GLU A 644 -13.52 6.24 -2.10
CA GLU A 644 -14.62 6.97 -1.50
C GLU A 644 -14.57 6.85 0.03
N THR A 645 -14.26 5.65 0.51
CA THR A 645 -14.14 5.38 1.93
C THR A 645 -13.01 6.22 2.52
N LEU A 646 -11.85 6.27 1.86
CA LEU A 646 -10.72 7.05 2.34
C LEU A 646 -11.03 8.54 2.38
N ASN A 647 -11.69 9.06 1.35
CA ASN A 647 -12.04 10.47 1.28
C ASN A 647 -12.92 10.92 2.45
N ALA A 648 -13.72 10.03 3.03
CA ALA A 648 -14.58 10.37 4.15
C ALA A 648 -13.80 10.75 5.43
N THR A 649 -12.57 10.24 5.61
CA THR A 649 -11.74 10.44 6.81
C THR A 649 -10.66 11.50 6.67
N THR A 650 -9.96 11.77 7.77
CA THR A 650 -8.78 12.62 7.76
C THR A 650 -7.59 11.71 7.49
N PRO A 651 -6.88 11.88 6.36
CA PRO A 651 -5.74 11.02 6.04
C PRO A 651 -4.45 11.42 6.79
N HIS A 652 -3.61 10.42 7.04
CA HIS A 652 -2.29 10.50 7.68
C HIS A 652 -1.41 9.64 6.79
N TYR A 653 -0.50 10.25 6.04
CA TYR A 653 0.33 9.54 5.07
C TYR A 653 1.75 9.20 5.56
N VAL A 654 2.19 7.98 5.27
CA VAL A 654 3.53 7.45 5.57
C VAL A 654 4.18 6.99 4.27
N ARG A 655 5.35 7.50 3.93
CA ARG A 655 6.07 7.15 2.70
C ARG A 655 7.27 6.27 3.04
N CYS A 656 7.26 5.04 2.58
CA CYS A 656 8.31 4.07 2.85
C CYS A 656 9.28 4.00 1.67
N ILE A 657 10.57 3.97 1.95
CA ILE A 657 11.63 3.93 0.93
C ILE A 657 12.56 2.75 1.13
N LYS A 658 12.87 2.08 0.03
CA LYS A 658 13.79 0.94 -0.04
C LYS A 658 15.19 1.52 -0.33
N PRO A 659 16.16 1.50 0.61
CA PRO A 659 17.47 2.11 0.38
C PRO A 659 18.41 1.34 -0.54
N ASN A 660 18.25 0.03 -0.63
CA ASN A 660 19.12 -0.82 -1.45
C ASN A 660 18.43 -2.13 -1.88
N ASP A 661 18.81 -2.69 -3.03
CA ASP A 661 18.27 -3.94 -3.57
C ASP A 661 18.89 -5.23 -3.01
N PHE A 662 20.07 -5.13 -2.40
CA PHE A 662 20.83 -6.25 -1.83
C PHE A 662 20.32 -6.79 -0.49
N LYS A 663 19.42 -6.08 0.19
CA LYS A 663 18.84 -6.41 1.50
C LYS A 663 19.89 -6.28 2.62
N PHE A 664 20.87 -5.39 2.43
CA PHE A 664 21.98 -5.19 3.37
C PHE A 664 21.73 -4.12 4.43
N PRO A 665 22.22 -4.32 5.66
CA PRO A 665 22.05 -3.36 6.75
C PRO A 665 22.79 -2.04 6.49
N PHE A 666 22.07 -0.93 6.67
CA PHE A 666 22.54 0.46 6.54
C PHE A 666 23.39 0.79 5.29
N THR A 667 22.91 0.42 4.10
CA THR A 667 23.53 0.76 2.81
C THR A 667 22.58 1.68 2.02
N PHE A 668 23.09 2.81 1.52
CA PHE A 668 22.30 3.83 0.84
C PHE A 668 22.60 3.96 -0.67
N ASP A 669 21.64 3.62 -1.53
CA ASP A 669 21.74 3.74 -3.01
C ASP A 669 21.08 5.03 -3.50
N GLU A 670 21.90 6.00 -3.85
CA GLU A 670 21.48 7.33 -4.30
C GLU A 670 20.64 7.31 -5.58
N LYS A 671 21.01 6.55 -6.61
CA LYS A 671 20.24 6.48 -7.85
C LYS A 671 18.85 5.94 -7.57
N ARG A 672 18.81 4.87 -6.79
CA ARG A 672 17.59 4.19 -6.41
C ARG A 672 16.73 5.05 -5.50
N ALA A 673 17.33 5.78 -4.60
CA ALA A 673 16.58 6.63 -3.71
C ALA A 673 16.00 7.83 -4.43
N VAL A 674 16.79 8.52 -5.28
CA VAL A 674 16.29 9.74 -5.92
C VAL A 674 15.06 9.49 -6.76
N GLN A 675 15.05 8.38 -7.49
CA GLN A 675 13.89 8.04 -8.32
C GLN A 675 12.64 7.82 -7.43
N GLN A 676 12.79 7.20 -6.26
CA GLN A 676 11.65 6.98 -5.37
C GLN A 676 11.14 8.32 -4.82
N LEU A 677 12.05 9.25 -4.50
CA LEU A 677 11.65 10.55 -3.97
C LEU A 677 10.82 11.33 -4.98
N ARG A 678 11.29 11.41 -6.23
CA ARG A 678 10.54 12.14 -7.25
C ARG A 678 9.23 11.43 -7.55
N ALA A 679 9.21 10.08 -7.56
CA ALA A 679 7.98 9.33 -7.80
C ALA A 679 6.95 9.64 -6.70
N CYS A 680 7.39 9.74 -5.45
CA CYS A 680 6.55 10.07 -4.32
C CYS A 680 6.15 11.55 -4.27
N GLY A 681 6.81 12.42 -5.04
CA GLY A 681 6.54 13.86 -5.06
C GLY A 681 6.97 14.49 -3.73
N VAL A 682 8.11 14.06 -3.18
CA VAL A 682 8.55 14.54 -1.87
C VAL A 682 8.89 16.03 -1.86
N LEU A 683 9.70 16.50 -2.81
CA LEU A 683 10.12 17.89 -2.81
C LEU A 683 8.94 18.86 -2.90
N GLU A 684 8.01 18.63 -3.81
CA GLU A 684 6.83 19.48 -3.95
C GLU A 684 5.97 19.37 -2.70
N THR A 685 5.92 18.21 -2.04
CA THR A 685 5.15 18.08 -0.81
C THR A 685 5.78 19.00 0.23
N ILE A 686 7.11 19.10 0.31
CA ILE A 686 7.70 20.02 1.28
C ILE A 686 7.52 21.45 0.82
N ARG A 687 7.55 21.74 -0.47
CA ARG A 687 7.36 23.11 -0.96
C ARG A 687 5.94 23.59 -0.68
N ILE A 688 4.91 22.76 -0.89
CA ILE A 688 3.54 23.15 -0.53
C ILE A 688 3.49 23.32 0.98
N SER A 689 4.12 22.42 1.73
CA SER A 689 4.17 22.53 3.18
C SER A 689 4.88 23.82 3.64
N ALA A 690 5.93 24.25 2.92
CA ALA A 690 6.68 25.47 3.18
C ALA A 690 5.80 26.72 3.01
N ALA A 691 4.85 26.69 2.06
CA ALA A 691 3.92 27.80 1.88
C ALA A 691 3.08 27.98 3.15
N GLY A 692 2.80 26.90 3.88
CA GLY A 692 2.10 26.98 5.15
C GLY A 692 0.60 27.20 4.98
N PHE A 693 -0.01 27.79 6.01
CA PHE A 693 -1.44 28.09 6.03
C PHE A 693 -2.36 26.88 5.81
N PRO A 694 -2.09 25.70 6.41
CA PRO A 694 -2.95 24.53 6.25
C PRO A 694 -4.28 24.70 7.00
N SER A 695 -4.25 25.27 8.20
CA SER A 695 -5.44 25.52 9.01
C SER A 695 -6.23 26.71 8.46
N ARG A 696 -7.57 26.64 8.50
CA ARG A 696 -8.46 27.68 7.93
C ARG A 696 -9.86 27.71 8.54
N TRP A 697 -10.11 28.69 9.40
CA TRP A 697 -11.40 28.89 10.07
C TRP A 697 -12.32 29.80 9.25
N THR A 698 -13.60 29.49 9.07
CA THR A 698 -14.51 30.42 8.40
C THR A 698 -14.72 31.62 9.31
N TYR A 699 -15.11 32.79 8.77
CA TYR A 699 -15.36 33.95 9.62
C TYR A 699 -16.44 33.64 10.67
N GLN A 700 -17.45 32.84 10.30
CA GLN A 700 -18.49 32.43 11.23
C GLN A 700 -17.96 31.48 12.33
N GLU A 701 -17.16 30.48 11.97
CA GLU A 701 -16.57 29.55 12.93
C GLU A 701 -15.64 30.27 13.90
N PHE A 702 -14.77 31.13 13.37
CA PHE A 702 -13.82 31.88 14.16
C PHE A 702 -14.57 32.80 15.14
N PHE A 703 -15.57 33.53 14.65
CA PHE A 703 -16.39 34.40 15.48
C PHE A 703 -17.10 33.61 16.58
N SER A 704 -17.74 32.51 16.22
CA SER A 704 -18.45 31.66 17.18
C SER A 704 -17.52 31.07 18.24
N ARG A 705 -16.31 30.65 17.86
CA ARG A 705 -15.35 30.08 18.81
C ARG A 705 -14.59 31.11 19.65
N TYR A 706 -14.29 32.29 19.13
CA TYR A 706 -13.50 33.28 19.86
C TYR A 706 -14.26 34.51 20.33
N ARG A 707 -15.60 34.46 20.37
CA ARG A 707 -16.45 35.58 20.86
C ARG A 707 -16.04 36.02 22.27
N VAL A 708 -15.60 35.08 23.11
CA VAL A 708 -15.14 35.35 24.48
C VAL A 708 -13.89 36.25 24.55
N LEU A 709 -13.05 36.26 23.50
CA LEU A 709 -11.87 37.11 23.41
C LEU A 709 -12.22 38.52 22.91
N MET A 710 -13.48 38.77 22.53
CA MET A 710 -13.95 40.03 22.01
C MET A 710 -14.78 40.82 23.01
N LYS A 711 -14.54 42.14 23.11
CA LYS A 711 -15.35 43.02 23.97
C LYS A 711 -16.60 43.41 23.19
N GLN A 712 -17.71 43.69 23.85
CA GLN A 712 -18.97 44.05 23.16
C GLN A 712 -18.81 45.21 22.16
N LYS A 713 -17.90 46.16 22.44
CA LYS A 713 -17.60 47.30 21.56
C LYS A 713 -16.87 46.91 20.26
N ASP A 714 -16.18 45.77 20.25
CA ASP A 714 -15.45 45.28 19.09
C ASP A 714 -16.36 44.50 18.12
N VAL A 715 -17.53 44.07 18.58
CA VAL A 715 -18.49 43.31 17.78
C VAL A 715 -19.30 44.25 16.89
N LEU A 716 -18.86 44.39 15.65
CA LEU A 716 -19.50 45.20 14.63
C LEU A 716 -20.59 44.40 13.90
N GLY A 717 -21.48 45.08 13.18
CA GLY A 717 -22.50 44.42 12.37
C GLY A 717 -21.89 43.45 11.34
N ASP A 718 -20.65 43.73 10.91
CA ASP A 718 -19.86 42.92 10.00
C ASP A 718 -18.92 41.99 10.79
N ARG A 719 -19.22 40.68 10.74
CA ARG A 719 -18.42 39.63 11.40
C ARG A 719 -16.99 39.58 10.85
N LYS A 720 -16.81 39.78 9.54
CA LYS A 720 -15.51 39.75 8.88
C LYS A 720 -14.60 40.86 9.41
N GLN A 721 -15.09 42.10 9.45
CA GLN A 721 -14.30 43.22 9.97
C GLN A 721 -14.06 43.04 11.48
N THR A 722 -15.04 42.51 12.22
CA THR A 722 -14.88 42.22 13.66
C THR A 722 -13.72 41.25 13.86
N CYS A 723 -13.66 40.16 13.09
CA CYS A 723 -12.60 39.18 13.17
C CYS A 723 -11.24 39.82 12.83
N LYS A 724 -11.18 40.68 11.80
CA LYS A 724 -9.93 41.35 11.42
C LYS A 724 -9.43 42.25 12.54
N ASN A 725 -10.31 43.08 13.11
CA ASN A 725 -9.94 43.99 14.18
C ASN A 725 -9.46 43.24 15.43
N VAL A 726 -10.15 42.17 15.79
CA VAL A 726 -9.79 41.36 16.96
C VAL A 726 -8.47 40.65 16.73
N LEU A 727 -8.27 39.99 15.58
CA LEU A 727 -7.03 39.29 15.31
C LEU A 727 -5.84 40.24 15.26
N GLU A 728 -6.03 41.44 14.72
CA GLU A 728 -4.99 42.47 14.69
C GLU A 728 -4.58 42.92 16.10
N LYS A 729 -5.48 42.80 17.10
CA LYS A 729 -5.19 43.12 18.50
C LYS A 729 -4.56 41.93 19.24
N LEU A 730 -4.95 40.71 18.90
CA LEU A 730 -4.44 39.49 19.54
C LEU A 730 -3.06 39.06 19.02
N ILE A 731 -2.81 39.12 17.71
CA ILE A 731 -1.52 38.76 17.10
C ILE A 731 -0.93 39.98 16.40
N LEU A 732 0.24 40.42 16.88
CA LEU A 732 0.95 41.60 16.37
C LEU A 732 1.63 41.38 15.01
N ASP A 733 2.21 40.20 14.78
CA ASP A 733 2.91 39.92 13.52
C ASP A 733 1.94 39.51 12.40
N LYS A 734 1.78 40.39 11.41
CA LYS A 734 0.88 40.16 10.26
C LYS A 734 1.35 39.03 9.35
N ASP A 735 2.58 38.55 9.48
CA ASP A 735 3.05 37.42 8.67
C ASP A 735 2.51 36.06 9.17
N LYS A 736 1.91 36.04 10.37
CA LYS A 736 1.41 34.80 10.99
C LYS A 736 -0.03 34.44 10.60
N TYR A 737 -0.77 35.35 9.96
CA TYR A 737 -2.15 35.15 9.56
C TYR A 737 -2.53 35.93 8.29
N GLN A 738 -3.50 35.41 7.53
CA GLN A 738 -3.98 36.03 6.29
C GLN A 738 -5.51 35.88 6.13
N PHE A 739 -6.16 36.90 5.58
CA PHE A 739 -7.60 36.95 5.40
C PHE A 739 -8.04 36.63 3.96
N GLY A 740 -8.84 35.57 3.76
CA GLY A 740 -9.42 35.20 2.46
C GLY A 740 -10.84 35.74 2.30
N LYS A 741 -11.56 35.40 1.22
CA LYS A 741 -12.94 35.83 0.99
C LYS A 741 -13.88 35.32 2.08
N THR A 742 -13.76 34.05 2.48
CA THR A 742 -14.63 33.40 3.47
C THR A 742 -13.93 32.77 4.68
N LYS A 743 -12.61 32.62 4.65
CA LYS A 743 -11.85 32.00 5.75
C LYS A 743 -10.60 32.78 6.15
N ILE A 744 -10.13 32.53 7.37
CA ILE A 744 -8.93 33.11 7.98
C ILE A 744 -7.89 31.99 8.06
N PHE A 745 -6.67 32.26 7.60
CA PHE A 745 -5.56 31.33 7.50
C PHE A 745 -4.47 31.64 8.53
N PHE A 746 -3.94 30.61 9.19
CA PHE A 746 -2.91 30.74 10.23
C PHE A 746 -1.66 29.87 10.03
N ARG A 747 -0.50 30.37 10.46
CA ARG A 747 0.78 29.63 10.51
C ARG A 747 0.78 28.63 11.67
N ALA A 748 1.70 27.66 11.66
CA ALA A 748 1.81 26.62 12.70
C ALA A 748 1.96 27.19 14.13
N GLY A 749 1.18 26.66 15.07
CA GLY A 749 1.21 27.06 16.48
C GLY A 749 0.28 28.22 16.86
N GLN A 750 -0.23 28.98 15.88
CA GLN A 750 -1.06 30.14 16.18
C GLN A 750 -2.45 29.77 16.73
N VAL A 751 -3.10 28.70 16.25
CA VAL A 751 -4.39 28.29 16.81
C VAL A 751 -4.19 27.83 18.25
N ALA A 752 -3.11 27.09 18.54
CA ALA A 752 -2.79 26.66 19.90
C ALA A 752 -2.60 27.88 20.80
N TYR A 753 -1.96 28.94 20.30
CA TYR A 753 -1.79 30.20 21.03
C TYR A 753 -3.17 30.84 21.29
N LEU A 754 -4.08 30.88 20.30
CA LEU A 754 -5.44 31.41 20.50
C LEU A 754 -6.22 30.57 21.51
N GLU A 755 -6.03 29.25 21.50
CA GLU A 755 -6.66 28.36 22.48
C GLU A 755 -6.10 28.64 23.87
N LYS A 756 -4.79 28.89 24.00
CA LYS A 756 -4.17 29.26 25.28
C LYS A 756 -4.82 30.57 25.76
N LEU A 757 -4.97 31.57 24.88
CA LEU A 757 -5.63 32.83 25.23
C LEU A 757 -7.10 32.58 25.62
N ARG A 758 -7.84 31.75 24.88
CA ARG A 758 -9.23 31.41 25.21
C ARG A 758 -9.30 30.74 26.58
N ALA A 759 -8.47 29.75 26.85
CA ALA A 759 -8.42 29.05 28.13
C ALA A 759 -8.07 30.03 29.27
N ASP A 760 -7.11 30.93 29.05
CA ASP A 760 -6.72 31.93 30.06
C ASP A 760 -7.84 32.92 30.32
N LYS A 761 -8.59 33.35 29.28
CA LYS A 761 -9.70 34.29 29.45
C LYS A 761 -10.84 33.63 30.23
N LEU A 762 -11.19 32.37 29.91
CA LEU A 762 -12.22 31.65 30.65
C LEU A 762 -11.80 31.44 32.11
N ARG A 763 -10.53 31.11 32.36
CA ARG A 763 -9.99 30.94 33.72
C ARG A 763 -10.09 32.25 34.51
N ALA A 764 -9.68 33.37 33.90
CA ALA A 764 -9.75 34.69 34.52
C ALA A 764 -11.22 35.09 34.81
N ALA A 765 -12.15 34.81 33.89
CA ALA A 765 -13.56 35.10 34.09
C ALA A 765 -14.11 34.26 35.25
N CYS A 766 -13.74 32.98 35.35
CA CYS A 766 -14.16 32.11 36.45
C CYS A 766 -13.64 32.66 37.78
N ILE A 767 -12.37 33.10 37.85
CA ILE A 767 -11.77 33.68 39.07
C ILE A 767 -12.51 34.98 39.45
N ARG A 768 -12.92 35.80 38.48
CA ARG A 768 -13.67 37.04 38.70
C ARG A 768 -15.05 36.74 39.31
N ILE A 769 -15.75 35.73 38.78
CA ILE A 769 -17.06 35.28 39.27
C ILE A 769 -16.93 34.69 40.69
N GLN A 770 -15.92 33.84 40.92
CA GLN A 770 -15.61 33.22 42.21
C GLN A 770 -15.21 34.28 43.23
#